data_8EOB
#
_entry.id   8EOB
#
_cell.length_a   1.00
_cell.length_b   1.00
_cell.length_c   1.00
_cell.angle_alpha   90.00
_cell.angle_beta   90.00
_cell.angle_gamma   90.00
#
_symmetry.space_group_name_H-M   'P 1'
#
loop_
_entity.id
_entity.type
_entity.pdbx_description
1 polymer 'Heat shock protein HSP 90-beta'
2 non-polymer 'PHOSPHOAMINOPHOSPHONIC ACID-ADENYLATE ESTER'
3 non-polymer 'MAGNESIUM ION'
#
_entity_poly.entity_id   1
_entity_poly.type   'polypeptide(L)'
_entity_poly.pdbx_seq_one_letter_code
;MHHHHHHDYDIPTTGYPYDVPDYAENLYFQGASPEEVHHGEEEVETFAFQAEIAQLMSLIINTFYSNKEIFLRELISNAS
DALDKIRYESLTDPSKLDSGKELKIDIIPNPQERTLTLVDTGIGMTKADLINNLGTIAKSGTKAFMEALQAGADISMIGQ
FGVGFYSAYLVAEKVVVITKHNDDEQYAWESSAGGSFTVRADHGEPIGRGTKVILHLKEDQTEYLEERRVKEVVKKHSQF
IGYPITLYLEKEREKEISDDEAEEEKGEKEEEDKDDEEKPKIEDVGSDEEDDSGKDKKKKTKKIKEKYIDQEELNKTKPI
WTRNPDDITQEEYGEFYKSLTNDWEDHLAVKHFSVEGQLEFRALLFIPRRAPFDLFENKKKKNNIKLYVRRVFIMDSCDE
LIPEYLNFIRGVVDSEDLPLNISREMLQQSKILKVIRKNIVKKCLELFSELAEDKENYKKFYEAFSKNLKLGIHEDSTNR
RRLSELLRYHTSQSGDEMTSLSEYVSRMKETQKSIYYITGESKEQVANSAFVERVRKRGFEVVYMTEPIDEYCVQQLKEF
DGKSLVSVTKEGLELPEDEEEKKKMEESKAKFENLCKLMKEILDKKVEKVTISNRLVSSPCCIVTSTYGWTANMERIMKA
QALRDNSTMGYMMAKKHLEINPDHPIVETLRQKAEADKNDKAVKDLVVLLFETALLSSGFSLEDPQTHSNRIYRMIKLGL
GIDEDEVAAEEPNAAVPDEIPPLEGDEDASRMEEVD
;
_entity_poly.pdbx_strand_id   A,B
#
# COMPACT_ATOMS: atom_id res chain seq x y z
N GLU A 43 55.75 -25.09 4.03
CA GLU A 43 54.96 -25.31 2.83
C GLU A 43 53.55 -24.76 3.02
N VAL A 44 52.70 -25.53 3.71
CA VAL A 44 51.34 -25.12 4.02
C VAL A 44 51.25 -24.91 5.51
N GLU A 45 50.87 -23.70 5.93
CA GLU A 45 50.84 -23.33 7.34
C GLU A 45 49.40 -23.00 7.72
N THR A 46 48.74 -23.93 8.38
CA THR A 46 47.36 -23.73 8.79
C THR A 46 47.29 -22.73 9.95
N PHE A 47 46.14 -22.07 10.05
CA PHE A 47 45.88 -21.12 11.13
C PHE A 47 44.48 -21.41 11.68
N ALA A 48 44.05 -20.58 12.63
CA ALA A 48 42.71 -20.67 13.19
C ALA A 48 42.10 -19.29 13.21
N PHE A 49 40.79 -19.24 12.96
CA PHE A 49 40.10 -17.96 12.90
C PHE A 49 40.13 -17.27 14.25
N GLN A 50 40.13 -15.94 14.22
CA GLN A 50 40.06 -15.12 15.40
C GLN A 50 38.93 -14.12 15.24
N ALA A 51 38.70 -13.33 16.28
CA ALA A 51 37.70 -12.28 16.24
C ALA A 51 38.15 -11.12 17.11
N GLU A 52 38.12 -9.92 16.56
CA GLU A 52 38.44 -8.73 17.35
C GLU A 52 37.28 -8.44 18.29
N ILE A 53 37.50 -8.62 19.58
CA ILE A 53 36.40 -8.66 20.53
C ILE A 53 35.77 -7.28 20.69
N ALA A 54 36.59 -6.24 20.78
CA ALA A 54 36.05 -4.90 20.99
C ALA A 54 35.19 -4.46 19.82
N GLN A 55 35.68 -4.63 18.59
CA GLN A 55 34.90 -4.27 17.42
C GLN A 55 33.68 -5.17 17.27
N LEU A 56 33.78 -6.44 17.67
CA LEU A 56 32.63 -7.32 17.63
C LEU A 56 31.54 -6.87 18.59
N MET A 57 31.93 -6.46 19.80
CA MET A 57 30.96 -5.95 20.76
C MET A 57 30.31 -4.67 20.25
N SER A 58 31.12 -3.76 19.69
CA SER A 58 30.56 -2.55 19.11
C SER A 58 29.61 -2.88 17.96
N LEU A 59 29.94 -3.91 17.18
CA LEU A 59 29.08 -4.35 16.10
C LEU A 59 27.74 -4.81 16.63
N ILE A 60 27.76 -5.65 17.67
CA ILE A 60 26.51 -6.14 18.25
C ILE A 60 25.68 -4.98 18.79
N ILE A 61 26.34 -4.04 19.46
CA ILE A 61 25.60 -2.96 20.11
C ILE A 61 24.99 -2.02 19.07
N ASN A 62 25.73 -1.69 18.01
CA ASN A 62 25.33 -0.62 17.12
C ASN A 62 24.59 -1.10 15.87
N THR A 63 24.93 -2.26 15.32
CA THR A 63 24.47 -2.59 13.97
C THR A 63 23.40 -3.68 13.93
N PHE A 64 23.33 -4.56 14.93
CA PHE A 64 22.39 -5.67 14.84
C PHE A 64 20.94 -5.20 14.93
N TYR A 65 20.63 -4.37 15.91
CA TYR A 65 19.25 -4.05 16.27
C TYR A 65 18.91 -2.62 15.87
N SER A 66 17.82 -2.46 15.11
CA SER A 66 17.37 -1.14 14.69
C SER A 66 16.68 -0.41 15.83
N ASN A 67 15.59 -0.99 16.34
CA ASN A 67 14.86 -0.40 17.45
C ASN A 67 15.50 -0.81 18.77
N LYS A 68 15.72 0.15 19.66
CA LYS A 68 16.42 -0.11 20.91
C LYS A 68 15.52 -0.66 22.00
N GLU A 69 14.21 -0.67 21.80
CA GLU A 69 13.30 -1.14 22.85
C GLU A 69 13.32 -2.64 23.02
N ILE A 70 14.02 -3.38 22.15
CA ILE A 70 13.98 -4.84 22.19
C ILE A 70 14.80 -5.44 23.31
N PHE A 71 15.55 -4.63 24.07
CA PHE A 71 16.40 -5.20 25.10
C PHE A 71 15.59 -6.01 26.10
N LEU A 72 14.45 -5.48 26.54
CA LEU A 72 13.54 -6.25 27.37
C LEU A 72 13.19 -7.56 26.70
N ARG A 73 12.80 -7.50 25.43
CA ARG A 73 12.48 -8.71 24.67
C ARG A 73 13.56 -9.77 24.82
N GLU A 74 14.82 -9.35 24.86
CA GLU A 74 15.90 -10.30 25.05
C GLU A 74 15.97 -10.73 26.49
N LEU A 75 16.06 -9.78 27.41
CA LEU A 75 16.25 -10.12 28.83
C LEU A 75 15.11 -11.00 29.32
N ILE A 76 13.87 -10.59 29.04
CA ILE A 76 12.71 -11.41 29.42
C ILE A 76 12.87 -12.81 28.85
N SER A 77 13.24 -12.91 27.57
CA SER A 77 13.42 -14.21 26.96
C SER A 77 14.43 -15.03 27.74
N ASN A 78 15.57 -14.42 28.07
CA ASN A 78 16.55 -15.13 28.87
C ASN A 78 15.94 -15.60 30.17
N ALA A 79 15.22 -14.70 30.86
CA ALA A 79 14.55 -15.10 32.09
C ALA A 79 13.65 -16.29 31.84
N SER A 80 12.86 -16.23 30.76
CA SER A 80 11.99 -17.36 30.43
C SER A 80 12.80 -18.64 30.34
N ASP A 81 13.88 -18.62 29.57
CA ASP A 81 14.73 -19.80 29.49
C ASP A 81 15.27 -20.17 30.84
N ALA A 82 15.75 -19.17 31.60
CA ALA A 82 16.26 -19.42 32.94
C ALA A 82 15.23 -20.15 33.79
N LEU A 83 13.96 -19.80 33.62
CA LEU A 83 12.92 -20.49 34.36
C LEU A 83 12.70 -21.89 33.81
N ASP A 84 12.59 -22.01 32.48
CA ASP A 84 12.27 -23.30 31.88
C ASP A 84 13.20 -24.38 32.41
N LYS A 85 14.50 -24.11 32.36
CA LYS A 85 15.49 -25.09 32.80
C LYS A 85 15.18 -25.58 34.21
N ILE A 86 15.02 -24.64 35.15
CA ILE A 86 14.83 -25.08 36.53
C ILE A 86 13.55 -25.91 36.64
N ARG A 87 12.50 -25.50 35.93
CA ARG A 87 11.27 -26.26 35.98
C ARG A 87 11.51 -27.68 35.48
N TYR A 88 12.27 -27.82 34.41
CA TYR A 88 12.61 -29.15 33.91
C TYR A 88 13.35 -29.94 34.97
N GLU A 89 14.31 -29.30 35.64
CA GLU A 89 15.06 -30.03 36.66
C GLU A 89 14.21 -30.36 37.87
N SER A 90 13.02 -29.75 37.99
CA SER A 90 12.13 -30.15 39.06
C SER A 90 11.43 -31.47 38.76
N LEU A 91 11.33 -31.84 37.48
CA LEU A 91 10.56 -33.04 37.12
C LEU A 91 11.21 -34.29 37.69
N THR A 92 12.52 -34.42 37.56
CA THR A 92 13.25 -35.57 38.06
C THR A 92 13.84 -35.34 39.44
N ASP A 93 13.64 -34.16 40.03
CA ASP A 93 14.21 -33.84 41.33
C ASP A 93 13.45 -32.67 41.95
N PRO A 94 12.29 -32.90 42.55
CA PRO A 94 11.54 -31.79 43.17
C PRO A 94 12.33 -31.08 44.26
N SER A 95 13.22 -31.79 44.96
CA SER A 95 13.99 -31.16 46.02
C SER A 95 14.84 -30.00 45.52
N LYS A 96 15.13 -29.95 44.23
CA LYS A 96 15.93 -28.87 43.68
C LYS A 96 15.17 -27.54 43.68
N LEU A 97 13.86 -27.56 43.90
CA LEU A 97 13.07 -26.33 43.99
C LEU A 97 12.93 -25.82 45.41
N ASP A 98 13.63 -26.42 46.37
CA ASP A 98 13.48 -26.01 47.77
C ASP A 98 13.96 -24.59 48.00
N SER A 99 14.89 -24.10 47.18
CA SER A 99 15.39 -22.74 47.36
C SER A 99 14.28 -21.72 47.17
N GLY A 100 13.44 -21.91 46.16
CA GLY A 100 12.29 -21.05 45.94
C GLY A 100 11.26 -21.76 45.10
N LYS A 101 10.00 -21.75 45.54
CA LYS A 101 8.97 -22.53 44.89
C LYS A 101 8.20 -21.76 43.83
N GLU A 102 8.54 -20.49 43.61
CA GLU A 102 7.79 -19.62 42.72
C GLU A 102 8.63 -19.29 41.50
N LEU A 103 8.05 -19.48 40.32
CA LEU A 103 8.69 -19.13 39.05
C LEU A 103 8.03 -17.87 38.52
N LYS A 104 8.74 -16.75 38.55
CA LYS A 104 8.17 -15.48 38.17
C LYS A 104 9.25 -14.56 37.61
N ILE A 105 8.80 -13.49 36.97
CA ILE A 105 9.67 -12.45 36.43
C ILE A 105 9.17 -11.12 36.97
N ASP A 106 10.08 -10.31 37.50
CA ASP A 106 9.74 -9.02 38.08
C ASP A 106 10.52 -7.92 37.37
N ILE A 107 9.83 -6.83 37.04
CA ILE A 107 10.43 -5.66 36.41
C ILE A 107 10.31 -4.51 37.39
N ILE A 108 11.45 -3.96 37.81
CA ILE A 108 11.50 -2.91 38.83
C ILE A 108 12.24 -1.71 38.30
N PRO A 109 11.54 -0.65 37.86
CA PRO A 109 12.24 0.60 37.54
C PRO A 109 12.44 1.46 38.77
N ASN A 110 13.66 1.99 38.91
CA ASN A 110 14.04 2.81 40.05
C ASN A 110 14.62 4.11 39.48
N PRO A 111 13.77 5.11 39.26
CA PRO A 111 14.26 6.38 38.68
C PRO A 111 15.15 7.17 39.63
N GLN A 112 15.13 6.88 40.93
CA GLN A 112 16.02 7.58 41.85
C GLN A 112 17.49 7.34 41.50
N GLU A 113 17.83 6.10 41.17
CA GLU A 113 19.17 5.74 40.73
C GLU A 113 19.23 5.46 39.23
N ARG A 114 18.11 5.63 38.52
CA ARG A 114 18.04 5.35 37.09
C ARG A 114 18.49 3.93 36.78
N THR A 115 17.90 2.96 37.48
CA THR A 115 18.24 1.56 37.27
C THR A 115 16.98 0.78 36.92
N LEU A 116 17.04 0.00 35.85
CA LEU A 116 15.96 -0.91 35.49
C LEU A 116 16.39 -2.32 35.87
N THR A 117 15.67 -2.93 36.81
CA THR A 117 16.02 -4.24 37.34
C THR A 117 15.06 -5.28 36.77
N LEU A 118 15.59 -6.44 36.41
CA LEU A 118 14.79 -7.57 35.96
C LEU A 118 15.21 -8.79 36.75
N VAL A 119 14.29 -9.33 37.55
CA VAL A 119 14.57 -10.40 38.48
C VAL A 119 13.84 -11.64 38.01
N ASP A 120 14.50 -12.79 38.04
CA ASP A 120 13.84 -14.06 37.75
C ASP A 120 14.33 -15.11 38.72
N THR A 121 13.43 -15.98 39.13
CA THR A 121 13.79 -17.12 39.98
C THR A 121 14.09 -18.34 39.13
N GLY A 122 14.98 -18.19 38.17
CA GLY A 122 15.31 -19.22 37.22
C GLY A 122 16.33 -20.20 37.77
N ILE A 123 17.02 -20.87 36.85
CA ILE A 123 18.03 -21.84 37.26
C ILE A 123 19.21 -21.13 37.91
N GLY A 124 19.58 -19.95 37.41
CA GLY A 124 20.74 -19.26 37.91
C GLY A 124 22.01 -19.77 37.23
N MET A 125 23.09 -19.04 37.45
CA MET A 125 24.36 -19.35 36.82
C MET A 125 25.46 -19.46 37.86
N THR A 126 26.30 -20.47 37.71
CA THR A 126 27.48 -20.61 38.55
C THR A 126 28.54 -19.62 38.10
N LYS A 127 29.65 -19.58 38.84
CA LYS A 127 30.75 -18.73 38.43
C LYS A 127 31.31 -19.19 37.09
N ALA A 128 31.43 -20.50 36.89
CA ALA A 128 31.86 -21.01 35.60
C ALA A 128 30.89 -20.64 34.50
N ASP A 129 29.59 -20.73 34.77
CA ASP A 129 28.60 -20.30 33.79
C ASP A 129 28.68 -18.81 33.53
N LEU A 130 28.92 -18.02 34.58
CA LEU A 130 29.09 -16.58 34.40
C LEU A 130 30.25 -16.29 33.45
N ILE A 131 31.38 -16.95 33.66
CA ILE A 131 32.54 -16.70 32.82
C ILE A 131 32.29 -17.17 31.40
N ASN A 132 31.75 -18.38 31.24
CA ASN A 132 31.60 -18.95 29.92
C ASN A 132 30.36 -18.41 29.21
N ASN A 133 29.18 -18.66 29.77
CA ASN A 133 27.95 -18.36 29.05
C ASN A 133 27.77 -16.86 28.86
N LEU A 134 27.86 -16.09 29.94
CA LEU A 134 27.70 -14.64 29.82
C LEU A 134 28.93 -13.97 29.22
N GLY A 135 30.12 -14.43 29.58
CA GLY A 135 31.34 -13.77 29.12
C GLY A 135 31.65 -13.99 27.65
N THR A 136 31.43 -15.20 27.14
CA THR A 136 31.81 -15.55 25.78
C THR A 136 30.69 -15.18 24.82
N ILE A 137 30.98 -14.32 23.86
CA ILE A 137 30.01 -13.94 22.85
C ILE A 137 29.74 -15.13 21.94
N ALA A 138 28.51 -15.21 21.42
CA ALA A 138 28.05 -16.27 20.54
C ALA A 138 28.08 -17.65 21.19
N LYS A 139 28.31 -17.72 22.49
CA LYS A 139 28.25 -18.98 23.24
C LYS A 139 26.91 -19.04 23.95
N SER A 140 26.02 -19.92 23.49
CA SER A 140 24.69 -20.04 24.08
C SER A 140 24.67 -21.26 24.99
N GLY A 141 24.71 -21.01 26.30
CA GLY A 141 24.52 -22.10 27.25
C GLY A 141 23.14 -22.71 27.15
N THR A 142 22.15 -21.91 26.76
CA THR A 142 20.81 -22.45 26.55
C THR A 142 20.81 -23.48 25.43
N LYS A 143 21.55 -23.22 24.34
CA LYS A 143 21.65 -24.20 23.27
C LYS A 143 22.28 -25.50 23.76
N ALA A 144 23.33 -25.39 24.58
CA ALA A 144 23.97 -26.58 25.13
C ALA A 144 23.01 -27.37 26.01
N PHE A 145 22.25 -26.66 26.85
CA PHE A 145 21.24 -27.32 27.68
C PHE A 145 20.21 -28.03 26.81
N MET A 146 19.75 -27.36 25.75
CA MET A 146 18.73 -27.94 24.87
C MET A 146 19.24 -29.20 24.19
N GLU A 147 20.48 -29.16 23.68
CA GLU A 147 21.01 -30.31 22.96
C GLU A 147 21.38 -31.45 23.90
N ALA A 148 21.74 -31.15 25.15
CA ALA A 148 22.04 -32.20 26.11
C ALA A 148 20.81 -32.95 26.58
N LEU A 149 19.62 -32.46 26.26
CA LEU A 149 18.40 -33.15 26.68
C LEU A 149 18.27 -34.49 25.96
N GLN A 150 17.84 -35.50 26.69
CA GLN A 150 17.66 -36.83 26.13
C GLN A 150 16.26 -36.97 25.54
N ALA A 151 16.17 -37.72 24.45
CA ALA A 151 14.91 -37.93 23.71
C ALA A 151 14.40 -36.56 23.25
N GLY A 152 13.09 -36.43 23.09
CA GLY A 152 12.50 -35.14 22.81
C GLY A 152 11.67 -34.65 23.97
N ALA A 153 12.16 -33.64 24.68
CA ALA A 153 11.47 -33.13 25.85
C ALA A 153 10.54 -31.98 25.47
N ASP A 154 9.64 -31.65 26.40
CA ASP A 154 8.68 -30.58 26.16
C ASP A 154 9.32 -29.20 26.12
N ILE A 155 10.60 -29.08 26.52
CA ILE A 155 11.26 -27.79 26.52
C ILE A 155 11.40 -27.26 25.11
N SER A 156 11.11 -25.97 24.93
CA SER A 156 11.42 -25.24 23.71
C SER A 156 11.86 -23.85 24.14
N MET A 157 13.16 -23.67 24.34
CA MET A 157 13.69 -22.43 24.86
C MET A 157 14.00 -21.45 23.74
N ILE A 158 13.84 -20.17 24.04
CA ILE A 158 13.93 -19.14 23.01
C ILE A 158 15.35 -19.02 22.48
N GLY A 159 16.33 -19.01 23.37
CA GLY A 159 17.71 -18.73 23.00
C GLY A 159 18.34 -19.69 22.01
N GLN A 160 18.93 -19.14 20.95
CA GLN A 160 19.64 -19.96 19.95
C GLN A 160 20.97 -19.40 19.50
N PHE A 161 21.24 -18.10 19.64
CA PHE A 161 22.42 -17.50 19.01
C PHE A 161 23.58 -17.34 19.98
N GLY A 162 23.39 -16.61 21.07
CA GLY A 162 24.45 -16.28 21.98
C GLY A 162 24.84 -14.83 22.02
N VAL A 163 24.10 -13.95 21.36
CA VAL A 163 24.37 -12.52 21.37
C VAL A 163 23.22 -11.71 21.94
N GLY A 164 22.23 -12.39 22.53
CA GLY A 164 21.05 -11.67 23.00
C GLY A 164 21.32 -10.75 24.17
N PHE A 165 22.15 -11.19 25.12
CA PHE A 165 22.32 -10.45 26.36
C PHE A 165 22.93 -9.08 26.11
N TYR A 166 23.86 -8.98 25.17
CA TYR A 166 24.57 -7.74 24.95
C TYR A 166 23.69 -6.67 24.32
N SER A 167 22.52 -7.04 23.82
CA SER A 167 21.53 -6.05 23.43
C SER A 167 21.11 -5.17 24.59
N ALA A 168 21.32 -5.63 25.83
CA ALA A 168 21.06 -4.80 26.99
C ALA A 168 21.92 -3.55 26.98
N TYR A 169 23.04 -3.55 26.25
CA TYR A 169 23.87 -2.36 26.18
C TYR A 169 23.35 -1.37 25.14
N LEU A 170 22.26 -1.69 24.45
CA LEU A 170 21.59 -0.68 23.63
C LEU A 170 21.09 0.47 24.48
N VAL A 171 20.84 0.24 25.76
CA VAL A 171 20.22 1.24 26.62
C VAL A 171 21.13 1.54 27.81
N ALA A 172 21.67 0.51 28.43
CA ALA A 172 22.46 0.69 29.63
C ALA A 172 23.87 1.15 29.31
N GLU A 173 24.47 1.88 30.24
CA GLU A 173 25.89 2.20 30.20
C GLU A 173 26.72 1.31 31.12
N LYS A 174 26.06 0.59 32.03
CA LYS A 174 26.74 -0.36 32.90
C LYS A 174 25.72 -1.40 33.33
N VAL A 175 26.06 -2.68 33.19
CA VAL A 175 25.15 -3.77 33.47
C VAL A 175 25.73 -4.61 34.61
N VAL A 176 24.90 -4.82 35.63
CA VAL A 176 25.22 -5.65 36.79
C VAL A 176 24.23 -6.80 36.82
N VAL A 177 24.73 -8.02 36.95
CA VAL A 177 23.93 -9.22 36.99
C VAL A 177 24.27 -9.97 38.26
N ILE A 178 23.30 -10.06 39.17
CA ILE A 178 23.48 -10.76 40.43
C ILE A 178 22.82 -12.12 40.30
N THR A 179 23.61 -13.19 40.43
CA THR A 179 23.13 -14.53 40.18
C THR A 179 23.33 -15.39 41.43
N LYS A 180 22.46 -16.39 41.57
CA LYS A 180 22.57 -17.34 42.67
C LYS A 180 22.15 -18.71 42.13
N HIS A 181 23.13 -19.50 41.73
CA HIS A 181 22.82 -20.86 41.33
C HIS A 181 22.53 -21.71 42.56
N ASN A 182 21.80 -22.80 42.33
CA ASN A 182 21.42 -23.67 43.43
C ASN A 182 22.60 -24.42 44.04
N ASP A 183 23.76 -24.41 43.38
CA ASP A 183 24.89 -25.22 43.82
C ASP A 183 25.95 -24.39 44.54
N ASP A 184 26.47 -23.34 43.91
CA ASP A 184 27.50 -22.52 44.52
C ASP A 184 26.89 -21.21 45.02
N GLU A 185 27.76 -20.33 45.52
CA GLU A 185 27.30 -19.13 46.22
C GLU A 185 26.89 -18.04 45.23
N GLN A 186 26.35 -16.96 45.78
CA GLN A 186 25.84 -15.86 44.99
C GLN A 186 26.98 -15.00 44.46
N TYR A 187 26.93 -14.66 43.18
CA TYR A 187 27.99 -13.92 42.52
C TYR A 187 27.41 -12.68 41.85
N ALA A 188 28.28 -11.73 41.55
CA ALA A 188 27.93 -10.50 40.86
C ALA A 188 28.84 -10.32 39.65
N TRP A 189 28.24 -10.06 38.51
CA TRP A 189 28.93 -9.89 37.24
C TRP A 189 28.68 -8.46 36.78
N GLU A 190 29.74 -7.65 36.70
CA GLU A 190 29.60 -6.25 36.34
C GLU A 190 30.40 -5.96 35.08
N SER A 191 29.83 -5.17 34.19
CA SER A 191 30.54 -4.79 32.98
C SER A 191 29.99 -3.49 32.43
N SER A 192 30.74 -2.89 31.50
CA SER A 192 30.30 -1.70 30.80
C SER A 192 30.60 -1.80 29.32
N ALA A 193 30.66 -3.03 28.80
CA ALA A 193 30.96 -3.30 27.38
C ALA A 193 32.32 -2.73 26.97
N GLY A 194 33.24 -2.65 27.91
CA GLY A 194 34.56 -2.10 27.63
C GLY A 194 35.59 -3.18 27.35
N GLY A 195 35.13 -4.37 27.00
CA GLY A 195 36.02 -5.47 26.73
C GLY A 195 36.48 -6.23 27.95
N SER A 196 36.02 -5.86 29.14
CA SER A 196 36.36 -6.57 30.36
C SER A 196 35.18 -6.55 31.30
N PHE A 197 35.00 -7.63 32.04
CA PHE A 197 33.97 -7.72 33.06
C PHE A 197 34.58 -8.27 34.34
N THR A 198 33.95 -7.94 35.45
CA THR A 198 34.45 -8.32 36.78
C THR A 198 33.43 -9.22 37.45
N VAL A 199 33.90 -10.31 38.03
CA VAL A 199 33.06 -11.23 38.79
C VAL A 199 33.51 -11.17 40.24
N ARG A 200 32.57 -10.92 41.13
CA ARG A 200 32.86 -10.67 42.53
C ARG A 200 31.93 -11.50 43.40
N ALA A 201 32.45 -12.00 44.51
CA ALA A 201 31.62 -12.72 45.47
C ALA A 201 30.64 -11.77 46.11
N ASP A 202 29.35 -11.90 45.78
CA ASP A 202 28.33 -11.00 46.28
C ASP A 202 28.02 -11.30 47.73
N HIS A 203 27.75 -10.25 48.50
CA HIS A 203 27.37 -10.41 49.90
C HIS A 203 26.18 -9.54 50.27
N GLY A 204 25.46 -9.01 49.30
CA GLY A 204 24.28 -8.21 49.56
C GLY A 204 23.11 -9.06 50.00
N GLU A 205 21.91 -8.57 49.73
CA GLU A 205 20.72 -9.32 50.11
C GLU A 205 20.68 -10.63 49.35
N PRO A 206 20.56 -11.77 50.03
CA PRO A 206 20.51 -13.05 49.33
C PRO A 206 19.28 -13.14 48.43
N ILE A 207 19.45 -13.81 47.30
CA ILE A 207 18.37 -14.00 46.34
C ILE A 207 17.76 -15.39 46.40
N GLY A 208 18.38 -16.31 47.12
CA GLY A 208 17.87 -17.67 47.20
C GLY A 208 18.19 -18.46 45.95
N ARG A 209 17.61 -18.04 44.82
CA ARG A 209 17.89 -18.65 43.54
C ARG A 209 17.43 -17.71 42.45
N GLY A 210 18.12 -17.75 41.32
CA GLY A 210 17.76 -16.95 40.18
C GLY A 210 18.82 -15.94 39.82
N THR A 211 18.41 -15.03 38.94
CA THR A 211 19.30 -13.98 38.45
C THR A 211 18.57 -12.65 38.50
N LYS A 212 19.28 -11.61 38.92
CA LYS A 212 18.77 -10.24 38.94
C LYS A 212 19.72 -9.38 38.13
N VAL A 213 19.24 -8.85 37.01
CA VAL A 213 20.04 -8.02 36.13
C VAL A 213 19.64 -6.57 36.33
N ILE A 214 20.65 -5.71 36.51
CA ILE A 214 20.42 -4.30 36.75
C ILE A 214 21.04 -3.52 35.60
N LEU A 215 20.23 -2.75 34.89
CA LEU A 215 20.69 -1.91 33.81
C LEU A 215 20.74 -0.47 34.30
N HIS A 216 21.95 0.08 34.38
CA HIS A 216 22.13 1.50 34.68
C HIS A 216 21.96 2.24 33.37
N LEU A 217 20.72 2.63 33.08
CA LEU A 217 20.40 3.24 31.80
C LEU A 217 21.16 4.56 31.63
N LYS A 218 21.53 4.85 30.39
CA LYS A 218 22.15 6.13 30.11
C LYS A 218 21.09 7.23 30.10
N GLU A 219 21.56 8.48 30.19
CA GLU A 219 20.65 9.61 30.34
C GLU A 219 19.68 9.71 29.17
N ASP A 220 20.16 9.43 27.96
CA ASP A 220 19.30 9.54 26.79
C ASP A 220 18.13 8.57 26.86
N GLN A 221 18.40 7.33 27.24
CA GLN A 221 17.37 6.29 27.28
C GLN A 221 16.72 6.19 28.65
N THR A 222 16.24 7.32 29.17
CA THR A 222 15.55 7.34 30.45
C THR A 222 14.05 7.13 30.31
N GLU A 223 13.55 7.01 29.08
CA GLU A 223 12.13 6.81 28.86
C GLU A 223 11.65 5.43 29.30
N TYR A 224 12.57 4.52 29.61
CA TYR A 224 12.18 3.18 30.01
C TYR A 224 11.99 3.05 31.52
N LEU A 225 12.15 4.13 32.27
CA LEU A 225 11.71 4.15 33.66
C LEU A 225 10.22 4.45 33.78
N GLU A 226 9.60 4.93 32.72
CA GLU A 226 8.18 5.22 32.73
C GLU A 226 7.38 3.92 32.73
N GLU A 227 6.28 3.92 33.50
CA GLU A 227 5.43 2.74 33.57
C GLU A 227 4.82 2.42 32.22
N ARG A 228 4.35 3.44 31.50
CA ARG A 228 3.66 3.23 30.24
C ARG A 228 4.58 2.59 29.20
N ARG A 229 5.83 3.06 29.11
CA ARG A 229 6.75 2.49 28.13
C ARG A 229 7.03 1.03 28.42
N VAL A 230 7.27 0.70 29.69
CA VAL A 230 7.54 -0.69 30.05
C VAL A 230 6.34 -1.56 29.72
N LYS A 231 5.14 -1.10 30.06
CA LYS A 231 3.95 -1.89 29.76
C LYS A 231 3.80 -2.08 28.26
N GLU A 232 4.02 -1.02 27.47
CA GLU A 232 3.86 -1.12 26.03
C GLU A 232 4.86 -2.09 25.43
N VAL A 233 6.13 -2.02 25.87
CA VAL A 233 7.15 -2.92 25.32
C VAL A 233 6.84 -4.36 25.67
N VAL A 234 6.47 -4.61 26.94
CA VAL A 234 6.17 -5.98 27.36
C VAL A 234 4.98 -6.52 26.58
N LYS A 235 3.95 -5.69 26.41
CA LYS A 235 2.77 -6.14 25.66
C LYS A 235 3.13 -6.43 24.22
N LYS A 236 3.98 -5.61 23.61
CA LYS A 236 4.30 -5.83 22.20
C LYS A 236 5.13 -7.09 21.99
N HIS A 237 6.18 -7.27 22.79
CA HIS A 237 7.13 -8.35 22.53
C HIS A 237 6.87 -9.59 23.38
N SER A 238 6.91 -9.46 24.70
CA SER A 238 6.90 -10.60 25.62
C SER A 238 5.52 -10.85 26.21
N GLN A 239 4.46 -10.64 25.43
CA GLN A 239 3.11 -10.78 25.97
C GLN A 239 2.81 -12.20 26.39
N PHE A 240 3.24 -13.18 25.60
CA PHE A 240 2.82 -14.57 25.79
C PHE A 240 3.90 -15.44 26.41
N ILE A 241 4.84 -14.85 27.14
CA ILE A 241 5.82 -15.64 27.87
C ILE A 241 5.10 -16.44 28.96
N GLY A 242 5.47 -17.71 29.08
CA GLY A 242 4.68 -18.63 29.91
C GLY A 242 4.59 -18.20 31.36
N TYR A 243 5.64 -17.61 31.88
CA TYR A 243 5.65 -17.29 33.29
C TYR A 243 5.11 -15.89 33.54
N PRO A 244 4.56 -15.63 34.73
CA PRO A 244 4.04 -14.30 35.01
C PRO A 244 5.12 -13.24 35.01
N ILE A 245 4.78 -12.08 34.45
CA ILE A 245 5.66 -10.92 34.47
C ILE A 245 5.00 -9.84 35.30
N THR A 246 5.71 -9.37 36.33
CA THR A 246 5.16 -8.42 37.29
C THR A 246 5.98 -7.13 37.24
N LEU A 247 5.29 -6.00 37.22
CA LEU A 247 5.92 -4.68 37.18
C LEU A 247 5.76 -4.04 38.55
N TYR A 248 6.76 -4.23 39.41
CA TYR A 248 6.78 -3.55 40.69
C TYR A 248 6.94 -2.05 40.48
N LEU A 249 6.24 -1.28 41.29
CA LEU A 249 6.29 0.18 41.14
C LEU A 249 5.98 0.81 42.48
N GLU A 250 6.28 2.10 42.59
CA GLU A 250 6.03 2.86 43.81
C GLU A 250 5.01 3.95 43.51
N LYS A 251 3.92 3.98 44.26
CA LYS A 251 2.87 4.96 44.05
C LYS A 251 2.38 5.45 45.41
N GLU A 252 1.33 6.27 45.40
CA GLU A 252 0.75 6.83 46.62
C GLU A 252 -0.76 6.67 46.57
N ARG A 253 -1.33 6.12 47.64
CA ARG A 253 -2.78 5.95 47.75
C ARG A 253 -3.30 6.46 49.09
N GLU A 306 0.28 6.62 50.76
CA GLU A 306 1.53 7.06 51.36
C GLU A 306 2.70 6.18 50.95
N LYS A 307 3.06 6.24 49.67
CA LYS A 307 4.24 5.56 49.13
C LYS A 307 4.18 4.05 49.37
N TYR A 308 3.19 3.42 48.76
CA TYR A 308 3.07 1.97 48.76
C TYR A 308 3.68 1.39 47.50
N ILE A 309 3.89 0.08 47.51
CA ILE A 309 4.44 -0.63 46.37
C ILE A 309 3.29 -1.37 45.67
N ASP A 310 3.15 -1.11 44.38
CA ASP A 310 2.09 -1.69 43.56
C ASP A 310 2.67 -2.77 42.66
N GLN A 311 2.03 -3.92 42.64
CA GLN A 311 2.41 -5.04 41.77
C GLN A 311 1.32 -5.22 40.72
N GLU A 312 1.73 -5.33 39.46
CA GLU A 312 0.79 -5.49 38.36
C GLU A 312 1.32 -6.51 37.39
N GLU A 313 0.54 -7.55 37.11
CA GLU A 313 0.93 -8.56 36.15
C GLU A 313 0.62 -8.08 34.74
N LEU A 314 1.58 -8.25 33.84
CA LEU A 314 1.45 -7.73 32.48
C LEU A 314 1.27 -8.81 31.43
N ASN A 315 1.16 -10.08 31.81
CA ASN A 315 0.94 -11.17 30.87
C ASN A 315 -0.15 -12.09 31.38
N LYS A 316 -1.27 -11.49 31.80
CA LYS A 316 -2.38 -12.28 32.32
C LYS A 316 -2.94 -13.23 31.27
N THR A 317 -3.09 -12.75 30.04
CA THR A 317 -3.59 -13.59 28.97
C THR A 317 -2.61 -14.71 28.65
N LYS A 318 -3.11 -15.93 28.58
CA LYS A 318 -2.22 -17.03 28.25
C LYS A 318 -2.42 -17.46 26.80
N PRO A 319 -1.36 -17.90 26.14
CA PRO A 319 -1.50 -18.33 24.74
C PRO A 319 -2.23 -19.66 24.61
N ILE A 320 -3.47 -19.60 24.15
CA ILE A 320 -4.30 -20.81 24.09
C ILE A 320 -4.01 -21.65 22.86
N TRP A 321 -3.34 -21.09 21.85
CA TRP A 321 -3.09 -21.86 20.63
C TRP A 321 -2.22 -23.07 20.89
N THR A 322 -1.43 -23.06 21.97
CA THR A 322 -0.65 -24.24 22.32
C THR A 322 -1.55 -25.40 22.74
N ARG A 323 -2.69 -25.10 23.33
CA ARG A 323 -3.61 -26.14 23.76
C ARG A 323 -4.21 -26.84 22.54
N ASN A 324 -4.71 -28.05 22.77
CA ASN A 324 -5.36 -28.79 21.70
C ASN A 324 -6.65 -28.08 21.29
N PRO A 325 -6.90 -27.89 20.00
CA PRO A 325 -8.07 -27.11 19.59
C PRO A 325 -9.40 -27.72 20.01
N ASP A 326 -9.46 -29.03 20.20
CA ASP A 326 -10.73 -29.66 20.56
C ASP A 326 -11.16 -29.27 21.97
N ASP A 327 -10.21 -29.13 22.89
CA ASP A 327 -10.56 -28.92 24.29
C ASP A 327 -11.05 -27.49 24.55
N ILE A 328 -10.62 -26.52 23.74
CA ILE A 328 -10.94 -25.13 24.02
C ILE A 328 -12.44 -24.90 23.83
N THR A 329 -13.01 -24.07 24.69
CA THR A 329 -14.42 -23.72 24.62
C THR A 329 -14.60 -22.33 24.03
N GLN A 330 -15.83 -22.04 23.60
CA GLN A 330 -16.09 -20.79 22.89
C GLN A 330 -15.88 -19.57 23.79
N GLU A 331 -16.13 -19.71 25.08
CA GLU A 331 -15.90 -18.60 26.00
C GLU A 331 -14.42 -18.26 26.08
N GLU A 332 -13.56 -19.27 26.14
CA GLU A 332 -12.12 -19.02 26.18
C GLU A 332 -11.63 -18.40 24.88
N TYR A 333 -12.13 -18.88 23.74
CA TYR A 333 -11.78 -18.28 22.47
C TYR A 333 -12.21 -16.82 22.42
N GLY A 334 -13.42 -16.52 22.91
CA GLY A 334 -13.87 -15.15 22.93
C GLY A 334 -13.01 -14.28 23.82
N GLU A 335 -12.61 -14.80 24.99
CA GLU A 335 -11.74 -14.04 25.87
C GLU A 335 -10.39 -13.76 25.21
N PHE A 336 -9.84 -14.76 24.53
CA PHE A 336 -8.57 -14.55 23.83
C PHE A 336 -8.72 -13.50 22.73
N TYR A 337 -9.81 -13.56 21.98
CA TYR A 337 -10.03 -12.56 20.93
C TYR A 337 -10.17 -11.16 21.53
N LYS A 338 -10.92 -11.04 22.62
CA LYS A 338 -11.08 -9.74 23.25
C LYS A 338 -9.76 -9.20 23.75
N SER A 339 -8.94 -10.05 24.36
CA SER A 339 -7.65 -9.58 24.86
C SER A 339 -6.69 -9.23 23.73
N LEU A 340 -6.73 -9.97 22.63
CA LEU A 340 -5.79 -9.75 21.54
C LEU A 340 -6.17 -8.52 20.70
N THR A 341 -7.45 -8.31 20.47
CA THR A 341 -7.92 -7.27 19.55
C THR A 341 -8.51 -6.07 20.26
N ASN A 342 -8.75 -6.15 21.57
CA ASN A 342 -9.30 -5.05 22.36
C ASN A 342 -10.67 -4.60 21.82
N ASP A 343 -11.52 -5.57 21.49
CA ASP A 343 -12.88 -5.31 21.05
C ASP A 343 -13.86 -5.99 21.98
N TRP A 344 -14.93 -5.28 22.35
CA TRP A 344 -15.95 -5.86 23.21
C TRP A 344 -16.71 -6.97 22.50
N GLU A 345 -16.80 -6.93 21.18
CA GLU A 345 -17.48 -7.96 20.43
C GLU A 345 -16.70 -9.27 20.49
N ASP A 346 -17.43 -10.38 20.51
CA ASP A 346 -16.79 -11.68 20.45
C ASP A 346 -16.23 -11.94 19.06
N HIS A 347 -15.66 -13.13 18.89
CA HIS A 347 -15.23 -13.57 17.56
C HIS A 347 -16.42 -14.16 16.82
N LEU A 348 -16.53 -13.86 15.53
CA LEU A 348 -17.61 -14.43 14.73
C LEU A 348 -17.37 -15.90 14.48
N ALA A 349 -16.15 -16.28 14.09
CA ALA A 349 -15.78 -17.66 13.89
C ALA A 349 -14.28 -17.80 14.08
N VAL A 350 -13.85 -19.02 14.39
CA VAL A 350 -12.46 -19.28 14.73
C VAL A 350 -12.00 -20.54 14.01
N LYS A 351 -10.80 -20.48 13.43
CA LYS A 351 -10.17 -21.64 12.82
C LYS A 351 -8.82 -21.85 13.50
N HIS A 352 -8.71 -22.96 14.25
CA HIS A 352 -7.54 -23.25 15.05
C HIS A 352 -6.95 -24.56 14.55
N PHE A 353 -5.77 -24.50 13.94
CA PHE A 353 -5.23 -25.69 13.29
C PHE A 353 -3.71 -25.73 13.41
N SER A 354 -3.17 -26.94 13.44
CA SER A 354 -1.73 -27.16 13.47
C SER A 354 -1.30 -27.93 12.23
N VAL A 355 -0.16 -27.54 11.67
CA VAL A 355 0.43 -28.19 10.51
C VAL A 355 1.77 -28.77 10.93
N GLU A 356 1.96 -30.06 10.67
CA GLU A 356 3.15 -30.78 11.09
C GLU A 356 3.97 -31.20 9.87
N GLY A 357 5.21 -31.60 10.15
CA GLY A 357 6.12 -32.01 9.10
C GLY A 357 7.43 -31.27 9.14
N GLN A 358 8.00 -31.00 7.96
CA GLN A 358 9.25 -30.25 7.89
C GLN A 358 9.07 -28.78 8.27
N LEU A 359 7.83 -28.28 8.21
CA LEU A 359 7.52 -26.90 8.60
C LEU A 359 6.30 -26.96 9.50
N GLU A 360 6.53 -27.10 10.81
CA GLU A 360 5.46 -27.27 11.78
C GLU A 360 5.12 -25.93 12.41
N PHE A 361 3.83 -25.61 12.44
CA PHE A 361 3.38 -24.36 13.03
C PHE A 361 1.90 -24.47 13.37
N ARG A 362 1.48 -23.74 14.40
CA ARG A 362 0.10 -23.70 14.83
C ARG A 362 -0.47 -22.32 14.59
N ALA A 363 -1.64 -22.25 13.97
CA ALA A 363 -2.27 -21.00 13.62
C ALA A 363 -3.66 -20.92 14.23
N LEU A 364 -4.08 -19.69 14.52
CA LEU A 364 -5.36 -19.40 15.14
C LEU A 364 -5.93 -18.16 14.49
N LEU A 365 -6.99 -18.33 13.68
CA LEU A 365 -7.57 -17.23 12.93
C LEU A 365 -8.96 -16.93 13.46
N PHE A 366 -9.29 -15.63 13.51
CA PHE A 366 -10.57 -15.14 13.99
C PHE A 366 -11.20 -14.24 12.94
N ILE A 367 -12.51 -14.40 12.76
CA ILE A 367 -13.29 -13.50 11.90
C ILE A 367 -13.93 -12.46 12.80
N PRO A 368 -13.61 -11.18 12.64
CA PRO A 368 -14.29 -10.16 13.44
C PRO A 368 -15.78 -10.16 13.14
N ARG A 369 -16.58 -9.88 14.18
CA ARG A 369 -18.02 -9.86 14.01
C ARG A 369 -18.46 -8.69 13.14
N ARG A 370 -17.82 -7.54 13.31
CA ARG A 370 -18.08 -6.37 12.48
C ARG A 370 -16.89 -6.12 11.57
N ALA A 371 -16.95 -5.01 10.84
CA ALA A 371 -15.88 -4.66 9.94
C ALA A 371 -15.14 -3.42 10.42
N PRO A 372 -13.81 -3.45 10.44
CA PRO A 372 -13.06 -2.27 10.87
C PRO A 372 -13.33 -1.07 9.97
N PHE A 373 -13.36 0.12 10.59
CA PHE A 373 -13.64 1.34 9.85
C PHE A 373 -12.53 1.63 8.83
N ASP A 374 -11.28 1.40 9.21
CA ASP A 374 -10.13 1.64 8.35
C ASP A 374 -9.62 0.35 7.71
N LEU A 375 -10.54 -0.54 7.33
CA LEU A 375 -10.15 -1.84 6.81
C LEU A 375 -9.29 -1.71 5.57
N PHE A 376 -9.71 -0.90 4.60
CA PHE A 376 -8.99 -0.71 3.35
C PHE A 376 -8.21 0.59 3.31
N GLU A 377 -8.07 1.27 4.44
CA GLU A 377 -7.35 2.54 4.49
C GLU A 377 -5.96 2.35 5.09
N LYS A 382 -2.36 -2.74 9.67
CA LYS A 382 -1.39 -3.58 8.97
C LYS A 382 -0.74 -4.58 9.92
N ASN A 383 -1.46 -4.91 10.99
CA ASN A 383 -0.99 -5.87 11.99
C ASN A 383 -2.08 -6.89 12.30
N ASN A 384 -2.73 -7.41 11.27
CA ASN A 384 -3.81 -8.38 11.48
C ASN A 384 -3.27 -9.72 11.95
N ILE A 385 -2.33 -10.29 11.21
CA ILE A 385 -1.73 -11.58 11.54
C ILE A 385 -0.36 -11.33 12.13
N LYS A 386 -0.12 -11.86 13.33
CA LYS A 386 1.14 -11.69 14.04
C LYS A 386 1.86 -13.02 14.10
N LEU A 387 3.13 -13.02 13.70
CA LEU A 387 3.94 -14.23 13.71
C LEU A 387 4.68 -14.36 15.02
N TYR A 388 4.70 -15.57 15.55
CA TYR A 388 5.39 -15.87 16.80
C TYR A 388 6.29 -17.07 16.61
N VAL A 389 7.44 -17.05 17.29
CA VAL A 389 8.34 -18.20 17.34
C VAL A 389 8.64 -18.49 18.79
N ARG A 390 8.22 -19.66 19.26
CA ARG A 390 8.37 -20.05 20.67
C ARG A 390 7.77 -18.98 21.58
N ARG A 391 6.58 -18.52 21.22
CA ARG A 391 5.80 -17.59 22.04
C ARG A 391 6.49 -16.23 22.18
N VAL A 392 7.27 -15.84 21.17
CA VAL A 392 7.86 -14.52 21.13
C VAL A 392 7.53 -13.87 19.80
N PHE A 393 7.10 -12.61 19.85
CA PHE A 393 6.65 -11.92 18.65
C PHE A 393 7.80 -11.67 17.69
N ILE A 394 7.56 -11.87 16.41
CA ILE A 394 8.60 -11.72 15.40
C ILE A 394 8.28 -10.56 14.48
N MET A 395 7.17 -10.64 13.75
CA MET A 395 6.85 -9.62 12.77
C MET A 395 5.36 -9.61 12.50
N ASP A 396 4.89 -8.48 11.99
CA ASP A 396 3.50 -8.33 11.56
C ASP A 396 3.38 -8.67 10.08
N SER A 397 2.28 -9.30 9.72
CA SER A 397 2.06 -9.76 8.35
C SER A 397 1.73 -8.55 7.48
N CYS A 398 2.76 -7.92 6.93
CA CYS A 398 2.58 -6.86 5.95
C CYS A 398 2.33 -7.48 4.57
N ASP A 399 1.22 -8.21 4.49
CA ASP A 399 0.76 -8.97 3.33
C ASP A 399 1.65 -10.17 3.01
N GLU A 400 2.65 -10.46 3.83
CA GLU A 400 3.49 -11.64 3.59
C GLU A 400 2.73 -12.92 3.90
N LEU A 401 2.05 -12.97 5.04
CA LEU A 401 1.38 -14.20 5.46
C LEU A 401 -0.04 -14.30 4.92
N ILE A 402 -0.67 -13.19 4.59
CA ILE A 402 -2.07 -13.19 4.22
C ILE A 402 -2.24 -12.39 2.93
N PRO A 403 -3.14 -12.77 2.04
CA PRO A 403 -3.46 -11.92 0.89
C PRO A 403 -4.15 -10.63 1.32
N GLU A 404 -4.07 -9.63 0.46
CA GLU A 404 -4.59 -8.31 0.81
C GLU A 404 -6.09 -8.35 1.07
N TYR A 405 -6.84 -9.11 0.27
CA TYR A 405 -8.29 -9.14 0.45
C TYR A 405 -8.68 -9.87 1.71
N LEU A 406 -7.79 -10.71 2.25
CA LEU A 406 -8.07 -11.49 3.44
C LEU A 406 -7.52 -10.83 4.70
N ASN A 407 -7.20 -9.54 4.63
CA ASN A 407 -6.61 -8.85 5.78
C ASN A 407 -7.61 -8.57 6.88
N PHE A 408 -8.91 -8.76 6.61
CA PHE A 408 -9.91 -8.56 7.65
C PHE A 408 -9.81 -9.60 8.74
N ILE A 409 -9.10 -10.69 8.50
CA ILE A 409 -9.04 -11.79 9.46
C ILE A 409 -7.91 -11.54 10.45
N ARG A 410 -8.17 -11.77 11.72
CA ARG A 410 -7.18 -11.57 12.77
C ARG A 410 -6.63 -12.93 13.20
N GLY A 411 -5.63 -12.90 14.06
CA GLY A 411 -5.16 -14.13 14.64
C GLY A 411 -3.66 -14.16 14.75
N VAL A 412 -3.14 -15.34 15.08
CA VAL A 412 -1.73 -15.54 15.37
C VAL A 412 -1.21 -16.75 14.61
N VAL A 413 0.09 -16.72 14.34
CA VAL A 413 0.83 -17.87 13.82
C VAL A 413 2.03 -18.08 14.73
N ASP A 414 2.19 -19.30 15.21
CA ASP A 414 3.26 -19.64 16.13
C ASP A 414 4.04 -20.82 15.58
N SER A 415 5.36 -20.78 15.73
CA SER A 415 6.21 -21.85 15.22
C SER A 415 7.29 -22.16 16.23
N GLU A 416 7.76 -23.41 16.20
CA GLU A 416 8.87 -23.82 17.04
C GLU A 416 10.21 -23.71 16.34
N ASP A 417 10.38 -24.40 15.21
CA ASP A 417 11.58 -24.34 14.41
C ASP A 417 11.33 -23.42 13.22
N LEU A 418 12.14 -22.38 13.09
CA LEU A 418 11.96 -21.42 12.01
C LEU A 418 13.25 -20.64 11.79
N PRO A 419 13.72 -20.56 10.55
CA PRO A 419 14.93 -19.77 10.29
C PRO A 419 14.72 -18.32 10.63
N LEU A 420 15.45 -17.82 11.62
CA LEU A 420 15.21 -16.50 12.19
C LEU A 420 16.39 -15.58 11.91
N ASN A 421 16.11 -14.29 11.82
CA ASN A 421 17.15 -13.28 11.60
C ASN A 421 18.03 -13.16 12.84
N ILE A 422 19.15 -12.45 12.67
CA ILE A 422 20.03 -12.19 13.80
C ILE A 422 19.34 -11.27 14.80
N SER A 423 18.53 -10.33 14.31
CA SER A 423 17.79 -9.42 15.18
C SER A 423 16.46 -9.99 15.64
N ARG A 424 16.09 -11.17 15.16
CA ARG A 424 14.83 -11.83 15.53
C ARG A 424 13.62 -10.96 15.19
N GLU A 425 13.73 -10.19 14.12
CA GLU A 425 12.64 -9.36 13.64
C GLU A 425 12.18 -9.73 12.24
N MET A 426 12.71 -10.79 11.66
CA MET A 426 12.27 -11.30 10.37
C MET A 426 12.85 -12.71 10.21
N LEU A 427 12.60 -13.30 9.05
CA LEU A 427 13.07 -14.64 8.74
C LEU A 427 14.18 -14.57 7.70
N GLN A 428 14.78 -15.72 7.44
CA GLN A 428 15.85 -15.81 6.44
C GLN A 428 15.34 -16.26 5.08
N GLN A 429 14.25 -17.03 5.04
CA GLN A 429 13.71 -17.59 3.81
C GLN A 429 12.30 -17.08 3.61
N SER A 430 12.01 -16.60 2.39
CA SER A 430 10.65 -16.17 2.06
C SER A 430 9.77 -17.33 1.61
N LYS A 431 10.37 -18.42 1.13
CA LYS A 431 9.57 -19.60 0.77
C LYS A 431 8.80 -20.12 1.97
N ILE A 432 9.36 -19.97 3.16
CA ILE A 432 8.63 -20.34 4.37
C ILE A 432 7.37 -19.50 4.50
N LEU A 433 7.48 -18.19 4.24
CA LEU A 433 6.31 -17.33 4.28
C LEU A 433 5.30 -17.71 3.21
N LYS A 434 5.78 -18.13 2.03
CA LYS A 434 4.85 -18.56 0.99
C LYS A 434 4.07 -19.79 1.42
N VAL A 435 4.76 -20.77 2.03
CA VAL A 435 4.07 -21.97 2.50
C VAL A 435 3.08 -21.61 3.60
N ILE A 436 3.49 -20.73 4.51
CA ILE A 436 2.57 -20.25 5.55
C ILE A 436 1.33 -19.66 4.92
N ARG A 437 1.51 -18.81 3.91
CA ARG A 437 0.37 -18.16 3.26
C ARG A 437 -0.53 -19.19 2.59
N LYS A 438 0.05 -20.17 1.91
CA LYS A 438 -0.77 -21.19 1.25
C LYS A 438 -1.63 -21.93 2.26
N ASN A 439 -1.03 -22.37 3.36
CA ASN A 439 -1.80 -23.09 4.36
C ASN A 439 -2.87 -22.21 5.00
N ILE A 440 -2.53 -20.95 5.28
CA ILE A 440 -3.50 -20.04 5.88
C ILE A 440 -4.68 -19.82 4.95
N VAL A 441 -4.42 -19.62 3.66
CA VAL A 441 -5.51 -19.40 2.71
C VAL A 441 -6.39 -20.64 2.60
N LYS A 442 -5.77 -21.82 2.51
CA LYS A 442 -6.55 -23.05 2.42
C LYS A 442 -7.46 -23.19 3.63
N LYS A 443 -6.93 -22.98 4.83
CA LYS A 443 -7.75 -23.15 6.02
C LYS A 443 -8.79 -22.05 6.15
N CYS A 444 -8.50 -20.84 5.69
CA CYS A 444 -9.51 -19.78 5.72
C CYS A 444 -10.67 -20.11 4.80
N LEU A 445 -10.39 -20.60 3.60
CA LEU A 445 -11.47 -20.99 2.70
C LEU A 445 -12.28 -22.15 3.28
N GLU A 446 -11.60 -23.11 3.91
CA GLU A 446 -12.32 -24.20 4.57
C GLU A 446 -13.20 -23.67 5.69
N LEU A 447 -12.71 -22.69 6.45
CA LEU A 447 -13.50 -22.10 7.52
C LEU A 447 -14.73 -21.40 6.97
N PHE A 448 -14.56 -20.65 5.88
CA PHE A 448 -15.71 -19.97 5.28
C PHE A 448 -16.74 -20.98 4.77
N SER A 449 -16.28 -22.06 4.15
CA SER A 449 -17.19 -23.09 3.68
C SER A 449 -17.94 -23.72 4.84
N GLU A 450 -17.25 -23.98 5.95
CA GLU A 450 -17.92 -24.52 7.13
C GLU A 450 -18.95 -23.53 7.68
N LEU A 451 -18.57 -22.25 7.73
CA LEU A 451 -19.46 -21.23 8.28
C LEU A 451 -20.70 -21.04 7.42
N ALA A 452 -20.59 -21.31 6.12
CA ALA A 452 -21.74 -21.14 5.23
C ALA A 452 -22.93 -21.99 5.63
N GLU A 453 -22.70 -23.07 6.39
CA GLU A 453 -23.81 -23.87 6.89
C GLU A 453 -24.69 -23.08 7.86
N ASP A 454 -24.06 -22.32 8.75
CA ASP A 454 -24.80 -21.50 9.72
C ASP A 454 -25.40 -20.31 8.99
N LYS A 455 -26.72 -20.36 8.75
CA LYS A 455 -27.36 -19.39 7.87
C LYS A 455 -27.26 -17.98 8.44
N GLU A 456 -27.61 -17.79 9.72
CA GLU A 456 -27.58 -16.46 10.30
C GLU A 456 -26.15 -15.94 10.42
N ASN A 457 -25.24 -16.79 10.89
CA ASN A 457 -23.85 -16.38 11.02
C ASN A 457 -23.26 -16.08 9.65
N TYR A 458 -23.60 -16.86 8.64
CA TYR A 458 -23.08 -16.56 7.31
C TYR A 458 -23.70 -15.28 6.76
N LYS A 459 -24.96 -15.00 7.10
CA LYS A 459 -25.54 -13.72 6.69
C LYS A 459 -24.76 -12.55 7.29
N LYS A 460 -24.42 -12.66 8.59
CA LYS A 460 -23.62 -11.61 9.21
C LYS A 460 -22.26 -11.49 8.55
N PHE A 461 -21.59 -12.63 8.34
CA PHE A 461 -20.26 -12.62 7.76
C PHE A 461 -20.27 -12.04 6.34
N TYR A 462 -21.26 -12.43 5.54
CA TYR A 462 -21.32 -11.93 4.18
C TYR A 462 -21.62 -10.44 4.18
N GLU A 463 -22.59 -10.00 4.97
CA GLU A 463 -22.89 -8.58 5.06
C GLU A 463 -21.66 -7.78 5.50
N ALA A 464 -20.75 -8.42 6.23
CA ALA A 464 -19.56 -7.70 6.66
C ALA A 464 -18.45 -7.71 5.62
N PHE A 465 -18.23 -8.85 4.92
CA PHE A 465 -17.00 -9.02 4.15
C PHE A 465 -17.25 -9.53 2.73
N SER A 466 -18.42 -9.26 2.16
CA SER A 466 -18.66 -9.62 0.77
C SER A 466 -17.73 -8.84 -0.15
N LYS A 467 -17.41 -7.60 0.21
CA LYS A 467 -16.46 -6.82 -0.56
C LYS A 467 -15.11 -7.52 -0.61
N ASN A 468 -14.65 -8.04 0.52
CA ASN A 468 -13.39 -8.78 0.55
C ASN A 468 -13.47 -10.05 -0.29
N LEU A 469 -14.59 -10.77 -0.21
CA LEU A 469 -14.73 -11.98 -1.02
C LEU A 469 -14.65 -11.66 -2.52
N LYS A 470 -15.34 -10.59 -2.94
CA LYS A 470 -15.32 -10.24 -4.36
C LYS A 470 -13.96 -9.69 -4.78
N LEU A 471 -13.28 -8.98 -3.89
CA LEU A 471 -11.91 -8.55 -4.17
C LEU A 471 -11.01 -9.75 -4.36
N GLY A 472 -11.18 -10.79 -3.54
CA GLY A 472 -10.41 -12.00 -3.72
C GLY A 472 -10.70 -12.68 -5.05
N ILE A 473 -11.97 -12.72 -5.43
CA ILE A 473 -12.32 -13.28 -6.75
C ILE A 473 -11.61 -12.49 -7.85
N HIS A 474 -11.57 -11.17 -7.70
CA HIS A 474 -10.87 -10.35 -8.69
C HIS A 474 -9.38 -10.67 -8.73
N GLU A 475 -8.75 -10.86 -7.57
CA GLU A 475 -7.30 -10.98 -7.48
C GLU A 475 -6.83 -12.42 -7.39
N ASP A 476 -7.29 -13.17 -6.39
CA ASP A 476 -6.85 -14.54 -6.18
C ASP A 476 -7.39 -15.42 -7.30
N SER A 477 -6.52 -15.85 -8.20
CA SER A 477 -6.97 -16.60 -9.38
C SER A 477 -7.12 -18.09 -9.08
N THR A 478 -6.19 -18.65 -8.30
CA THR A 478 -6.26 -20.07 -8.00
C THR A 478 -7.52 -20.42 -7.22
N ASN A 479 -7.86 -19.60 -6.23
CA ASN A 479 -9.03 -19.84 -5.40
C ASN A 479 -10.26 -19.09 -5.91
N ARG A 480 -10.65 -19.35 -7.16
CA ARG A 480 -11.83 -18.71 -7.70
C ARG A 480 -13.08 -19.57 -7.57
N ARG A 481 -12.96 -20.89 -7.68
CA ARG A 481 -14.12 -21.75 -7.55
C ARG A 481 -14.73 -21.64 -6.16
N ARG A 482 -13.90 -21.73 -5.12
CA ARG A 482 -14.42 -21.67 -3.76
C ARG A 482 -14.97 -20.29 -3.44
N LEU A 483 -14.24 -19.23 -3.78
CA LEU A 483 -14.72 -17.88 -3.51
C LEU A 483 -16.02 -17.61 -4.24
N SER A 484 -16.13 -18.09 -5.49
CA SER A 484 -17.38 -17.94 -6.23
C SER A 484 -18.51 -18.71 -5.56
N GLU A 485 -18.23 -19.92 -5.06
CA GLU A 485 -19.24 -20.66 -4.33
C GLU A 485 -19.64 -19.97 -3.04
N LEU A 486 -18.81 -19.09 -2.50
CA LEU A 486 -19.12 -18.34 -1.30
C LEU A 486 -19.93 -17.08 -1.58
N LEU A 487 -20.48 -16.94 -2.78
CA LEU A 487 -21.16 -15.72 -3.17
C LEU A 487 -22.67 -15.84 -2.96
N ARG A 488 -23.25 -14.77 -2.41
CA ARG A 488 -24.69 -14.65 -2.24
C ARG A 488 -25.16 -13.40 -2.96
N TYR A 489 -26.29 -13.49 -3.65
CA TYR A 489 -26.78 -12.41 -4.47
C TYR A 489 -28.30 -12.28 -4.32
N HIS A 490 -28.78 -11.07 -4.59
CA HIS A 490 -30.20 -10.84 -4.74
C HIS A 490 -30.62 -11.18 -6.16
N THR A 491 -31.59 -12.06 -6.31
CA THR A 491 -32.09 -12.41 -7.63
C THR A 491 -33.55 -12.04 -7.74
N SER A 492 -34.05 -12.09 -8.98
CA SER A 492 -35.44 -11.71 -9.23
C SER A 492 -36.41 -12.64 -8.50
N GLN A 493 -36.15 -13.93 -8.54
CA GLN A 493 -37.02 -14.91 -7.88
C GLN A 493 -36.65 -15.15 -6.42
N SER A 494 -35.53 -14.62 -5.95
CA SER A 494 -35.12 -14.87 -4.58
C SER A 494 -36.03 -14.18 -3.58
N GLY A 495 -36.39 -12.93 -3.85
CA GLY A 495 -37.08 -12.12 -2.88
C GLY A 495 -36.11 -11.18 -2.16
N ASP A 496 -36.44 -10.89 -0.90
CA ASP A 496 -35.58 -10.02 -0.11
C ASP A 496 -34.32 -10.74 0.33
N GLU A 497 -34.43 -12.03 0.66
CA GLU A 497 -33.27 -12.78 1.09
C GLU A 497 -32.37 -13.13 -0.09
N MET A 498 -31.10 -13.41 0.21
CA MET A 498 -30.09 -13.65 -0.81
C MET A 498 -29.85 -15.13 -1.00
N THR A 499 -29.55 -15.51 -2.25
CA THR A 499 -29.32 -16.89 -2.61
C THR A 499 -27.98 -17.01 -3.32
N SER A 500 -27.38 -18.19 -3.21
CA SER A 500 -26.11 -18.47 -3.86
C SER A 500 -26.31 -18.75 -5.34
N LEU A 501 -25.20 -18.74 -6.08
CA LEU A 501 -25.26 -19.08 -7.49
C LEU A 501 -25.56 -20.56 -7.70
N SER A 502 -25.16 -21.41 -6.76
CA SER A 502 -25.48 -22.83 -6.88
C SER A 502 -26.97 -23.07 -6.83
N GLU A 503 -27.68 -22.35 -5.96
CA GLU A 503 -29.14 -22.45 -5.95
C GLU A 503 -29.72 -21.95 -7.26
N TYR A 504 -29.15 -20.87 -7.81
CA TYR A 504 -29.58 -20.38 -9.11
C TYR A 504 -29.46 -21.47 -10.16
N VAL A 505 -28.35 -22.20 -10.17
CA VAL A 505 -28.17 -23.27 -11.14
C VAL A 505 -29.14 -24.40 -10.86
N SER A 506 -29.43 -24.67 -9.59
CA SER A 506 -30.38 -25.73 -9.26
C SER A 506 -31.77 -25.41 -9.79
N ARG A 507 -32.21 -24.16 -9.65
CA ARG A 507 -33.50 -23.74 -10.17
C ARG A 507 -33.46 -23.39 -11.64
N MET A 508 -32.28 -23.39 -12.25
CA MET A 508 -32.15 -23.00 -13.65
C MET A 508 -32.95 -23.96 -14.54
N LYS A 509 -33.58 -23.39 -15.57
CA LYS A 509 -34.46 -24.16 -16.43
C LYS A 509 -33.68 -25.19 -17.24
N GLU A 510 -34.42 -26.17 -17.76
CA GLU A 510 -33.79 -27.23 -18.55
C GLU A 510 -33.17 -26.69 -19.83
N THR A 511 -33.87 -25.78 -20.51
CA THR A 511 -33.37 -25.23 -21.76
C THR A 511 -32.38 -24.09 -21.55
N GLN A 512 -32.43 -23.41 -20.40
CA GLN A 512 -31.51 -22.30 -20.15
C GLN A 512 -30.07 -22.81 -20.13
N LYS A 513 -29.14 -21.97 -20.58
CA LYS A 513 -27.76 -22.40 -20.70
C LYS A 513 -26.79 -21.34 -20.20
N SER A 514 -27.23 -20.47 -19.29
CA SER A 514 -26.37 -19.40 -18.80
C SER A 514 -26.96 -18.85 -17.50
N ILE A 515 -26.20 -17.97 -16.87
CA ILE A 515 -26.61 -17.27 -15.66
C ILE A 515 -26.72 -15.80 -16.03
N TYR A 516 -27.95 -15.27 -16.04
CA TYR A 516 -28.21 -13.92 -16.50
C TYR A 516 -28.07 -12.96 -15.33
N TYR A 517 -27.12 -12.04 -15.41
CA TYR A 517 -26.90 -11.08 -14.35
C TYR A 517 -26.99 -9.66 -14.91
N ILE A 518 -27.40 -8.73 -14.06
CA ILE A 518 -27.45 -7.31 -14.42
C ILE A 518 -26.89 -6.51 -13.26
N THR A 519 -26.02 -5.56 -13.58
CA THR A 519 -25.35 -4.74 -12.58
C THR A 519 -25.85 -3.30 -12.65
N GLY A 520 -25.92 -2.66 -11.49
CA GLY A 520 -26.39 -1.29 -11.41
C GLY A 520 -25.99 -0.71 -10.08
N GLU A 521 -26.46 0.51 -9.82
CA GLU A 521 -26.10 1.22 -8.60
C GLU A 521 -27.11 1.05 -7.48
N SER A 522 -28.21 0.33 -7.71
CA SER A 522 -29.20 0.12 -6.66
C SER A 522 -30.06 -1.09 -7.02
N LYS A 523 -30.63 -1.71 -6.00
CA LYS A 523 -31.50 -2.85 -6.23
C LYS A 523 -32.79 -2.44 -6.95
N GLU A 524 -33.38 -1.31 -6.56
CA GLU A 524 -34.63 -0.88 -7.17
C GLU A 524 -34.42 -0.54 -8.65
N GLN A 525 -33.35 0.20 -8.95
CA GLN A 525 -33.09 0.59 -10.34
C GLN A 525 -32.88 -0.63 -11.22
N VAL A 526 -32.11 -1.62 -10.72
CA VAL A 526 -31.87 -2.83 -11.49
C VAL A 526 -33.16 -3.62 -11.66
N ALA A 527 -33.93 -3.77 -10.57
CA ALA A 527 -35.14 -4.59 -10.63
C ALA A 527 -36.17 -4.01 -11.57
N ASN A 528 -36.32 -2.69 -11.58
CA ASN A 528 -37.28 -2.04 -12.46
C ASN A 528 -36.68 -1.69 -13.81
N SER A 529 -35.42 -2.04 -14.05
CA SER A 529 -34.75 -1.64 -15.29
C SER A 529 -35.41 -2.28 -16.50
N ALA A 530 -35.20 -1.66 -17.66
CA ALA A 530 -35.81 -2.15 -18.88
C ALA A 530 -35.15 -3.43 -19.38
N PHE A 531 -33.86 -3.61 -19.11
CA PHE A 531 -33.12 -4.72 -19.70
C PHE A 531 -33.74 -6.06 -19.32
N VAL A 532 -34.30 -6.16 -18.13
CA VAL A 532 -34.79 -7.43 -17.62
C VAL A 532 -36.29 -7.56 -17.86
N GLU A 533 -36.86 -6.64 -18.65
CA GLU A 533 -38.30 -6.66 -18.88
C GLU A 533 -38.73 -7.94 -19.58
N ARG A 534 -38.03 -8.33 -20.64
CA ARG A 534 -38.40 -9.54 -21.36
C ARG A 534 -38.01 -10.80 -20.59
N VAL A 535 -36.79 -10.82 -20.03
CA VAL A 535 -36.25 -12.05 -19.45
C VAL A 535 -37.15 -12.53 -18.32
N ARG A 536 -37.47 -11.65 -17.38
CA ARG A 536 -38.35 -12.05 -16.29
C ARG A 536 -39.73 -12.44 -16.80
N LYS A 537 -40.16 -11.85 -17.92
CA LYS A 537 -41.44 -12.23 -18.50
C LYS A 537 -41.42 -13.70 -18.94
N ARG A 538 -40.27 -14.21 -19.35
CA ARG A 538 -40.15 -15.60 -19.75
C ARG A 538 -39.76 -16.52 -18.60
N GLY A 539 -39.68 -16.00 -17.39
CA GLY A 539 -39.44 -16.85 -16.23
C GLY A 539 -38.01 -17.30 -16.03
N PHE A 540 -37.05 -16.48 -16.42
CA PHE A 540 -35.64 -16.79 -16.20
C PHE A 540 -35.11 -15.95 -15.03
N GLU A 541 -34.55 -16.61 -14.04
CA GLU A 541 -34.03 -15.91 -12.88
C GLU A 541 -32.86 -15.03 -13.27
N VAL A 542 -32.81 -13.82 -12.71
CA VAL A 542 -31.79 -12.84 -13.02
C VAL A 542 -31.13 -12.39 -11.72
N VAL A 543 -29.81 -12.28 -11.75
CA VAL A 543 -29.01 -11.94 -10.57
C VAL A 543 -28.76 -10.44 -10.56
N TYR A 544 -29.22 -9.78 -9.51
CA TYR A 544 -28.97 -8.35 -9.34
C TYR A 544 -27.64 -8.15 -8.65
N MET A 545 -26.75 -7.37 -9.28
CA MET A 545 -25.43 -7.10 -8.72
C MET A 545 -25.32 -5.60 -8.51
N THR A 546 -25.63 -5.16 -7.30
CA THR A 546 -25.85 -3.74 -7.01
C THR A 546 -24.76 -3.13 -6.14
N GLU A 547 -23.51 -3.50 -6.37
CA GLU A 547 -22.39 -2.89 -5.66
C GLU A 547 -21.26 -2.62 -6.63
N PRO A 548 -20.45 -1.58 -6.38
CA PRO A 548 -19.38 -1.24 -7.32
C PRO A 548 -18.37 -2.36 -7.54
N ILE A 549 -18.06 -3.14 -6.50
CA ILE A 549 -17.07 -4.20 -6.61
C ILE A 549 -17.57 -5.36 -7.46
N ASP A 550 -18.86 -5.41 -7.76
CA ASP A 550 -19.40 -6.48 -8.58
C ASP A 550 -18.83 -6.47 -9.99
N GLU A 551 -18.54 -5.28 -10.54
CA GLU A 551 -17.94 -5.21 -11.86
C GLU A 551 -16.57 -5.86 -11.89
N TYR A 552 -15.73 -5.57 -10.89
CA TYR A 552 -14.44 -6.23 -10.78
C TYR A 552 -14.62 -7.73 -10.57
N CYS A 553 -15.62 -8.12 -9.79
CA CYS A 553 -15.86 -9.54 -9.57
C CYS A 553 -16.19 -10.27 -10.85
N VAL A 554 -17.05 -9.67 -11.70
CA VAL A 554 -17.46 -10.36 -12.92
C VAL A 554 -16.50 -10.17 -14.08
N GLN A 555 -15.56 -9.23 -13.98
CA GLN A 555 -14.50 -9.16 -14.99
C GLN A 555 -13.73 -10.47 -15.07
N GLN A 556 -13.52 -11.11 -13.92
CA GLN A 556 -12.72 -12.33 -13.84
C GLN A 556 -13.58 -13.58 -13.84
N LEU A 557 -14.66 -13.59 -13.07
CA LEU A 557 -15.52 -14.76 -12.96
C LEU A 557 -16.32 -14.87 -14.26
N LYS A 558 -15.80 -15.65 -15.20
CA LYS A 558 -16.43 -15.79 -16.50
C LYS A 558 -17.56 -16.80 -16.52
N GLU A 559 -17.44 -17.87 -15.74
CA GLU A 559 -18.46 -18.92 -15.74
C GLU A 559 -18.48 -19.59 -14.38
N PHE A 560 -19.56 -20.32 -14.12
CA PHE A 560 -19.76 -20.99 -12.84
C PHE A 560 -20.39 -22.35 -13.10
N ASP A 561 -19.77 -23.40 -12.56
CA ASP A 561 -20.30 -24.77 -12.63
C ASP A 561 -20.57 -25.17 -14.08
N GLY A 562 -19.69 -24.75 -14.98
CA GLY A 562 -19.89 -25.05 -16.38
C GLY A 562 -20.95 -24.23 -17.06
N LYS A 563 -21.50 -23.23 -16.38
CA LYS A 563 -22.49 -22.33 -16.95
C LYS A 563 -21.89 -20.93 -17.02
N SER A 564 -22.04 -20.28 -18.16
CA SER A 564 -21.43 -18.98 -18.38
C SER A 564 -22.30 -17.85 -17.86
N LEU A 565 -21.67 -16.84 -17.28
CA LEU A 565 -22.39 -15.64 -16.85
C LEU A 565 -22.56 -14.71 -18.03
N VAL A 566 -23.79 -14.24 -18.24
CA VAL A 566 -24.12 -13.35 -19.35
C VAL A 566 -24.73 -12.08 -18.76
N SER A 567 -24.22 -10.94 -19.17
CA SER A 567 -24.75 -9.65 -18.76
C SER A 567 -25.91 -9.28 -19.68
N VAL A 568 -27.08 -9.01 -19.10
CA VAL A 568 -28.23 -8.62 -19.89
C VAL A 568 -27.97 -7.28 -20.57
N THR A 569 -27.24 -6.38 -19.91
CA THR A 569 -26.98 -5.06 -20.46
C THR A 569 -26.07 -5.11 -21.68
N LYS A 570 -25.43 -6.24 -21.95
CA LYS A 570 -24.53 -6.35 -23.08
C LYS A 570 -25.24 -6.93 -24.30
N GLU A 571 -24.69 -6.65 -25.47
CA GLU A 571 -25.34 -6.99 -26.73
C GLU A 571 -25.27 -8.48 -26.99
N GLY A 572 -26.00 -8.92 -28.01
CA GLY A 572 -26.01 -10.32 -28.40
C GLY A 572 -26.76 -11.23 -27.47
N LEU A 573 -27.56 -10.68 -26.55
CA LEU A 573 -28.32 -11.51 -25.62
C LEU A 573 -29.27 -12.41 -26.39
N GLU A 574 -29.01 -13.71 -26.38
CA GLU A 574 -29.82 -14.69 -27.09
C GLU A 574 -30.44 -15.63 -26.08
N LEU A 575 -31.71 -15.38 -25.76
CA LEU A 575 -32.47 -16.35 -24.99
C LEU A 575 -32.80 -17.55 -25.88
N PRO A 576 -33.05 -18.71 -25.28
CA PRO A 576 -33.58 -19.82 -26.07
C PRO A 576 -34.89 -19.42 -26.73
N GLU A 577 -34.94 -19.54 -28.04
CA GLU A 577 -36.05 -19.04 -28.84
C GLU A 577 -36.65 -20.17 -29.66
N ASP A 578 -37.98 -20.15 -29.78
CA ASP A 578 -38.70 -21.15 -30.53
C ASP A 578 -38.65 -20.81 -32.02
N GLU A 579 -39.34 -21.60 -32.85
CA GLU A 579 -39.39 -21.30 -34.28
C GLU A 579 -40.27 -20.09 -34.57
N GLU A 580 -41.45 -20.01 -33.95
CA GLU A 580 -42.34 -18.89 -34.21
C GLU A 580 -41.78 -17.58 -33.68
N GLU A 581 -41.08 -17.63 -32.54
CA GLU A 581 -40.44 -16.42 -32.02
C GLU A 581 -39.37 -15.93 -32.97
N LYS A 582 -38.58 -16.84 -33.55
CA LYS A 582 -37.58 -16.45 -34.52
C LYS A 582 -38.24 -15.90 -35.78
N LYS A 583 -39.36 -16.48 -36.19
CA LYS A 583 -40.08 -15.95 -37.34
C LYS A 583 -40.56 -14.53 -37.09
N LYS A 584 -41.10 -14.27 -35.90
CA LYS A 584 -41.51 -12.92 -35.54
C LYS A 584 -40.33 -11.97 -35.54
N MET A 585 -39.18 -12.43 -35.02
CA MET A 585 -37.99 -11.59 -35.01
C MET A 585 -37.54 -11.25 -36.43
N GLU A 586 -37.58 -12.23 -37.32
CA GLU A 586 -37.20 -11.99 -38.71
C GLU A 586 -38.17 -11.02 -39.39
N GLU A 587 -39.46 -11.20 -39.15
CA GLU A 587 -40.44 -10.28 -39.74
C GLU A 587 -40.24 -8.86 -39.23
N SER A 588 -39.97 -8.70 -37.93
CA SER A 588 -39.71 -7.38 -37.38
C SER A 588 -38.43 -6.78 -37.95
N LYS A 589 -37.40 -7.59 -38.13
CA LYS A 589 -36.17 -7.12 -38.76
C LYS A 589 -36.45 -6.62 -40.17
N ALA A 590 -37.30 -7.35 -40.91
CA ALA A 590 -37.67 -6.91 -42.25
C ALA A 590 -38.43 -5.60 -42.23
N LYS A 591 -39.37 -5.45 -41.30
CA LYS A 591 -40.29 -4.31 -41.34
C LYS A 591 -39.60 -3.02 -40.92
N PHE A 592 -38.80 -3.06 -39.85
CA PHE A 592 -38.25 -1.86 -39.24
C PHE A 592 -36.87 -1.50 -39.78
N GLU A 593 -36.48 -2.04 -40.94
CA GLU A 593 -35.16 -1.76 -41.48
C GLU A 593 -35.01 -0.28 -41.82
N ASN A 594 -36.02 0.30 -42.46
CA ASN A 594 -35.93 1.70 -42.86
C ASN A 594 -35.85 2.63 -41.65
N LEU A 595 -36.64 2.34 -40.61
CA LEU A 595 -36.59 3.14 -39.39
C LEU A 595 -35.22 3.02 -38.73
N CYS A 596 -34.66 1.81 -38.71
CA CYS A 596 -33.33 1.63 -38.14
C CYS A 596 -32.28 2.44 -38.90
N LYS A 597 -32.35 2.43 -40.24
CA LYS A 597 -31.43 3.23 -41.02
C LYS A 597 -31.59 4.71 -40.74
N LEU A 598 -32.85 5.18 -40.65
CA LEU A 598 -33.09 6.60 -40.38
C LEU A 598 -32.55 7.00 -39.02
N MET A 599 -32.77 6.16 -38.00
CA MET A 599 -32.27 6.48 -36.66
C MET A 599 -30.76 6.42 -36.59
N LYS A 600 -30.15 5.50 -37.34
CA LYS A 600 -28.69 5.48 -37.41
C LYS A 600 -28.16 6.75 -38.05
N GLU A 601 -28.81 7.22 -39.11
CA GLU A 601 -28.39 8.47 -39.74
C GLU A 601 -28.57 9.66 -38.81
N ILE A 602 -29.69 9.72 -38.10
CA ILE A 602 -29.98 10.89 -37.26
C ILE A 602 -28.99 11.01 -36.12
N LEU A 603 -28.77 9.91 -35.41
CA LEU A 603 -27.87 9.91 -34.25
C LEU A 603 -26.45 9.53 -34.64
N ASP A 604 -25.90 10.23 -35.63
CA ASP A 604 -24.57 9.89 -36.12
C ASP A 604 -23.51 10.14 -35.05
N LYS A 605 -22.52 9.26 -35.01
CA LYS A 605 -21.38 9.32 -34.10
C LYS A 605 -21.78 9.29 -32.63
N LYS A 606 -23.01 8.91 -32.34
CA LYS A 606 -23.48 8.76 -30.96
C LYS A 606 -23.86 7.32 -30.64
N VAL A 607 -24.44 6.60 -31.59
CA VAL A 607 -24.73 5.18 -31.45
C VAL A 607 -24.19 4.47 -32.69
N GLU A 608 -23.40 3.42 -32.47
CA GLU A 608 -22.79 2.72 -33.60
C GLU A 608 -23.82 1.94 -34.40
N LYS A 609 -24.75 1.27 -33.72
CA LYS A 609 -25.70 0.40 -34.40
C LYS A 609 -27.07 0.55 -33.76
N VAL A 610 -28.09 0.73 -34.60
CA VAL A 610 -29.48 0.84 -34.17
C VAL A 610 -30.25 -0.31 -34.78
N THR A 611 -30.96 -1.08 -33.96
CA THR A 611 -31.64 -2.26 -34.44
C THR A 611 -32.78 -2.62 -33.50
N ILE A 612 -33.49 -3.70 -33.84
CA ILE A 612 -34.55 -4.25 -33.02
C ILE A 612 -33.92 -5.14 -31.97
N SER A 613 -34.71 -5.56 -30.98
CA SER A 613 -34.19 -6.37 -29.89
C SER A 613 -35.25 -7.34 -29.39
N ASN A 614 -34.83 -8.22 -28.50
CA ASN A 614 -35.70 -9.19 -27.87
C ASN A 614 -35.70 -9.09 -26.36
N ARG A 615 -35.09 -8.04 -25.78
CA ARG A 615 -35.00 -7.89 -24.34
C ARG A 615 -35.93 -6.80 -23.80
N LEU A 616 -36.81 -6.25 -24.63
CA LEU A 616 -37.73 -5.20 -24.22
C LEU A 616 -39.16 -5.63 -24.49
N VAL A 617 -40.05 -5.41 -23.52
CA VAL A 617 -41.45 -5.76 -23.69
C VAL A 617 -42.33 -4.55 -23.42
N SER A 618 -41.83 -3.62 -22.61
CA SER A 618 -42.61 -2.46 -22.21
C SER A 618 -41.94 -1.13 -22.51
N SER A 619 -40.63 -1.04 -22.35
CA SER A 619 -39.94 0.19 -22.69
C SER A 619 -39.76 0.30 -24.20
N PRO A 620 -39.80 1.50 -24.75
CA PRO A 620 -39.63 1.67 -26.19
C PRO A 620 -38.23 1.33 -26.66
N CYS A 621 -37.21 1.89 -26.01
CA CYS A 621 -35.84 1.74 -26.48
C CYS A 621 -34.91 1.57 -25.28
N CYS A 622 -33.76 0.95 -25.54
CA CYS A 622 -32.73 0.79 -24.53
C CYS A 622 -31.35 0.89 -25.18
N ILE A 623 -30.39 1.34 -24.39
CA ILE A 623 -29.00 1.46 -24.83
C ILE A 623 -28.23 0.29 -24.26
N VAL A 624 -27.50 -0.40 -25.13
CA VAL A 624 -26.86 -1.67 -24.81
C VAL A 624 -25.38 -1.57 -25.13
N THR A 625 -24.55 -1.95 -24.17
CA THR A 625 -23.11 -1.96 -24.34
C THR A 625 -22.70 -2.98 -25.40
N SER A 626 -21.64 -2.67 -26.14
CA SER A 626 -21.07 -3.60 -27.09
C SER A 626 -20.44 -4.79 -26.35
N THR A 627 -19.92 -5.75 -27.13
CA THR A 627 -19.43 -6.98 -26.54
C THR A 627 -18.09 -6.79 -25.83
N TYR A 628 -17.25 -5.89 -26.34
CA TYR A 628 -15.89 -5.77 -25.84
C TYR A 628 -15.75 -4.73 -24.74
N GLY A 629 -16.32 -3.54 -24.93
CA GLY A 629 -16.03 -2.43 -24.05
C GLY A 629 -16.63 -2.59 -22.67
N TRP A 630 -16.34 -1.59 -21.83
CA TRP A 630 -16.90 -1.57 -20.48
C TRP A 630 -18.41 -1.45 -20.52
N THR A 631 -19.07 -2.16 -19.62
CA THR A 631 -20.49 -1.95 -19.41
C THR A 631 -20.73 -0.53 -18.93
N ALA A 632 -21.98 -0.07 -19.09
CA ALA A 632 -22.33 1.29 -18.67
C ALA A 632 -21.99 1.51 -17.20
N ASN A 633 -22.34 0.55 -16.36
CA ASN A 633 -22.02 0.67 -14.94
C ASN A 633 -20.51 0.68 -14.72
N MET A 634 -19.77 -0.14 -15.48
CA MET A 634 -18.32 -0.15 -15.35
C MET A 634 -17.73 1.20 -15.71
N GLU A 635 -18.18 1.77 -16.84
CA GLU A 635 -17.69 3.08 -17.25
C GLU A 635 -18.02 4.14 -16.21
N ARG A 636 -19.23 4.08 -15.64
CA ARG A 636 -19.59 5.02 -14.58
C ARG A 636 -18.67 4.85 -13.38
N ILE A 637 -18.33 3.61 -13.03
CA ILE A 637 -17.52 3.36 -11.85
C ILE A 637 -16.10 3.89 -12.03
N MET A 638 -15.46 3.55 -13.14
CA MET A 638 -14.07 3.98 -13.28
C MET A 638 -13.91 5.35 -13.94
N LYS A 639 -15.01 6.00 -14.29
CA LYS A 639 -14.94 7.41 -14.63
C LYS A 639 -14.95 8.30 -13.40
N ALA A 640 -15.19 7.72 -12.22
CA ALA A 640 -15.23 8.45 -10.97
C ALA A 640 -14.08 8.07 -10.04
N GLN A 641 -13.14 7.25 -10.49
CA GLN A 641 -11.97 6.94 -9.68
C GLN A 641 -11.09 8.17 -9.56
N ALA A 642 -10.58 8.40 -8.34
CA ALA A 642 -9.80 9.61 -8.09
C ALA A 642 -8.51 9.61 -8.90
N LEU A 643 -7.83 8.48 -8.96
CA LEU A 643 -6.54 8.35 -9.65
C LEU A 643 -6.76 7.47 -10.88
N ARG A 644 -7.05 8.09 -12.01
CA ARG A 644 -7.29 7.37 -13.25
C ARG A 644 -6.66 8.12 -14.41
N ASP A 645 -6.28 7.36 -15.44
CA ASP A 645 -5.66 7.92 -16.63
C ASP A 645 -6.75 8.26 -17.64
N ASN A 646 -6.86 9.55 -17.98
CA ASN A 646 -7.92 9.99 -18.89
C ASN A 646 -7.80 9.34 -20.26
N SER A 647 -6.58 9.27 -20.81
CA SER A 647 -6.39 8.66 -22.12
C SER A 647 -6.81 7.21 -22.11
N THR A 648 -6.41 6.46 -21.07
CA THR A 648 -6.84 5.08 -20.94
C THR A 648 -8.36 4.97 -20.94
N MET A 649 -9.04 5.99 -20.40
CA MET A 649 -10.49 6.00 -20.40
C MET A 649 -11.04 5.82 -21.81
N GLY A 650 -10.42 6.46 -22.80
CA GLY A 650 -10.89 6.34 -24.17
C GLY A 650 -10.58 5.02 -24.85
N TYR A 651 -9.70 4.20 -24.27
CA TYR A 651 -9.33 2.96 -24.93
C TYR A 651 -10.41 1.90 -24.80
N MET A 652 -11.12 1.88 -23.68
CA MET A 652 -12.09 0.83 -23.38
C MET A 652 -13.51 1.35 -23.30
N MET A 653 -13.79 2.49 -23.94
CA MET A 653 -15.15 3.01 -23.99
C MET A 653 -16.06 2.05 -24.76
N ALA A 654 -17.30 1.93 -24.29
CA ALA A 654 -18.25 1.07 -24.95
C ALA A 654 -18.76 1.70 -26.24
N LYS A 655 -19.09 0.85 -27.21
CA LYS A 655 -19.75 1.30 -28.44
C LYS A 655 -21.24 1.12 -28.24
N LYS A 656 -21.93 2.23 -27.99
CA LYS A 656 -23.36 2.17 -27.64
C LYS A 656 -24.16 1.58 -28.80
N HIS A 657 -25.13 0.74 -28.46
CA HIS A 657 -26.09 0.21 -29.40
C HIS A 657 -27.49 0.62 -28.98
N LEU A 658 -28.29 1.09 -29.92
CA LEU A 658 -29.68 1.40 -29.64
C LEU A 658 -30.55 0.22 -30.07
N GLU A 659 -31.42 -0.21 -29.16
CA GLU A 659 -32.32 -1.33 -29.42
C GLU A 659 -33.74 -0.86 -29.18
N ILE A 660 -34.56 -0.93 -30.22
CA ILE A 660 -35.93 -0.43 -30.17
C ILE A 660 -36.87 -1.61 -30.03
N ASN A 661 -38.08 -1.33 -29.53
CA ASN A 661 -39.07 -2.36 -29.29
C ASN A 661 -40.12 -2.32 -30.38
N PRO A 662 -40.23 -3.34 -31.24
CA PRO A 662 -41.22 -3.30 -32.32
C PRO A 662 -42.66 -3.32 -31.83
N ASP A 663 -42.91 -3.75 -30.60
CA ASP A 663 -44.27 -3.84 -30.08
C ASP A 663 -44.68 -2.63 -29.25
N HIS A 664 -43.83 -1.63 -29.15
CA HIS A 664 -44.18 -0.42 -28.40
C HIS A 664 -44.92 0.55 -29.32
N PRO A 665 -46.01 1.15 -28.87
CA PRO A 665 -46.76 2.07 -29.73
C PRO A 665 -45.94 3.24 -30.23
N ILE A 666 -45.04 3.77 -29.40
CA ILE A 666 -44.21 4.91 -29.82
C ILE A 666 -43.36 4.53 -31.02
N VAL A 667 -42.76 3.34 -31.00
CA VAL A 667 -41.88 2.95 -32.08
C VAL A 667 -42.65 2.73 -33.38
N GLU A 668 -43.81 2.09 -33.29
CA GLU A 668 -44.62 1.89 -34.50
C GLU A 668 -45.08 3.21 -35.09
N THR A 669 -45.53 4.14 -34.23
CA THR A 669 -45.93 5.46 -34.72
C THR A 669 -44.74 6.19 -35.34
N LEU A 670 -43.57 6.08 -34.73
CA LEU A 670 -42.38 6.72 -35.26
C LEU A 670 -42.02 6.14 -36.63
N ARG A 671 -42.15 4.81 -36.77
CA ARG A 671 -41.88 4.18 -38.06
C ARG A 671 -42.87 4.67 -39.12
N GLN A 672 -44.15 4.77 -38.76
CA GLN A 672 -45.14 5.29 -39.71
C GLN A 672 -44.77 6.71 -40.15
N LYS A 673 -44.44 7.57 -39.19
CA LYS A 673 -44.10 8.96 -39.55
C LYS A 673 -42.84 9.01 -40.40
N ALA A 674 -41.82 8.22 -40.05
CA ALA A 674 -40.59 8.22 -40.83
C ALA A 674 -40.83 7.68 -42.24
N GLU A 675 -41.83 6.82 -42.41
CA GLU A 675 -42.19 6.41 -43.77
C GLU A 675 -42.94 7.51 -44.49
N ALA A 676 -43.78 8.26 -43.77
CA ALA A 676 -44.48 9.38 -44.40
C ALA A 676 -43.51 10.43 -44.90
N ASP A 677 -42.53 10.80 -44.07
CA ASP A 677 -41.52 11.80 -44.42
C ASP A 677 -40.14 11.20 -44.21
N LYS A 678 -39.33 11.16 -45.27
CA LYS A 678 -37.94 10.73 -45.12
C LYS A 678 -37.17 11.62 -44.17
N ASN A 679 -37.62 12.85 -43.96
CA ASN A 679 -37.01 13.75 -43.00
C ASN A 679 -38.06 14.73 -42.50
N ASP A 680 -37.96 15.06 -41.22
CA ASP A 680 -38.87 16.03 -40.61
C ASP A 680 -38.26 16.49 -39.30
N LYS A 681 -38.62 17.70 -38.88
CA LYS A 681 -38.13 18.21 -37.60
C LYS A 681 -38.76 17.46 -36.44
N ALA A 682 -40.05 17.13 -36.54
CA ALA A 682 -40.74 16.46 -35.44
C ALA A 682 -40.14 15.07 -35.20
N VAL A 683 -39.90 14.31 -36.27
CA VAL A 683 -39.37 12.96 -36.10
C VAL A 683 -37.94 13.02 -35.55
N LYS A 684 -37.15 13.99 -36.01
CA LYS A 684 -35.79 14.10 -35.50
C LYS A 684 -35.79 14.47 -34.03
N ASP A 685 -36.65 15.41 -33.62
CA ASP A 685 -36.73 15.78 -32.22
C ASP A 685 -37.18 14.59 -31.37
N LEU A 686 -38.18 13.85 -31.84
CA LEU A 686 -38.64 12.68 -31.11
C LEU A 686 -37.54 11.64 -30.96
N VAL A 687 -36.79 11.40 -32.03
CA VAL A 687 -35.72 10.40 -31.98
C VAL A 687 -34.64 10.83 -31.01
N VAL A 688 -34.25 12.12 -31.04
CA VAL A 688 -33.21 12.59 -30.13
C VAL A 688 -33.68 12.48 -28.69
N LEU A 689 -34.93 12.86 -28.43
CA LEU A 689 -35.46 12.77 -27.07
C LEU A 689 -35.53 11.33 -26.59
N LEU A 690 -35.96 10.42 -27.47
CA LEU A 690 -36.03 9.01 -27.11
C LEU A 690 -34.65 8.46 -26.81
N PHE A 691 -33.66 8.82 -27.62
CA PHE A 691 -32.30 8.38 -27.37
C PHE A 691 -31.78 8.93 -26.05
N GLU A 692 -32.09 10.19 -25.74
CA GLU A 692 -31.67 10.76 -24.47
C GLU A 692 -32.29 10.03 -23.30
N THR A 693 -33.59 9.72 -23.39
CA THR A 693 -34.25 9.00 -22.31
C THR A 693 -33.66 7.60 -22.14
N ALA A 694 -33.40 6.91 -23.24
CA ALA A 694 -32.77 5.60 -23.16
C ALA A 694 -31.38 5.69 -22.56
N LEU A 695 -30.63 6.73 -22.91
CA LEU A 695 -29.30 6.92 -22.36
C LEU A 695 -29.37 7.16 -20.86
N LEU A 696 -30.35 7.93 -20.40
CA LEU A 696 -30.52 8.16 -18.98
C LEU A 696 -30.89 6.87 -18.25
N SER A 697 -31.85 6.13 -18.78
CA SER A 697 -32.33 4.93 -18.09
C SER A 697 -31.29 3.83 -18.10
N SER A 698 -30.46 3.77 -19.14
CA SER A 698 -29.48 2.71 -19.27
C SER A 698 -28.30 2.85 -18.32
N GLY A 699 -28.18 3.98 -17.62
CA GLY A 699 -27.06 4.22 -16.74
C GLY A 699 -25.99 5.13 -17.30
N PHE A 700 -26.04 5.43 -18.60
CA PHE A 700 -25.08 6.35 -19.18
C PHE A 700 -25.39 7.77 -18.76
N SER A 701 -24.35 8.49 -18.33
CA SER A 701 -24.50 9.89 -18.00
C SER A 701 -24.55 10.73 -19.27
N LEU A 702 -25.37 11.78 -19.25
CA LEU A 702 -25.53 12.62 -20.42
C LEU A 702 -24.26 13.41 -20.68
N GLU A 703 -23.93 13.57 -21.97
CA GLU A 703 -22.78 14.38 -22.34
C GLU A 703 -22.97 15.85 -21.97
N ASP A 704 -24.23 16.29 -21.90
CA ASP A 704 -24.57 17.64 -21.46
C ASP A 704 -26.01 17.64 -20.96
N PRO A 705 -26.22 17.47 -19.66
CA PRO A 705 -27.59 17.38 -19.15
C PRO A 705 -28.40 18.65 -19.37
N GLN A 706 -27.72 19.79 -19.56
CA GLN A 706 -28.45 21.03 -19.78
C GLN A 706 -29.28 20.98 -21.05
N THR A 707 -28.76 20.35 -22.11
CA THR A 707 -29.51 20.27 -23.36
C THR A 707 -30.80 19.47 -23.17
N HIS A 708 -30.71 18.32 -22.51
CA HIS A 708 -31.90 17.50 -22.29
C HIS A 708 -32.89 18.21 -21.37
N SER A 709 -32.39 18.86 -20.33
CA SER A 709 -33.28 19.58 -19.43
C SER A 709 -33.98 20.72 -20.16
N ASN A 710 -33.26 21.44 -21.01
CA ASN A 710 -33.88 22.53 -21.76
C ASN A 710 -34.90 22.00 -22.76
N ARG A 711 -34.62 20.85 -23.36
CA ARG A 711 -35.60 20.24 -24.25
C ARG A 711 -36.88 19.89 -23.50
N ILE A 712 -36.74 19.32 -22.30
CA ILE A 712 -37.92 19.00 -21.50
C ILE A 712 -38.66 20.27 -21.11
N TYR A 713 -37.92 21.33 -20.76
CA TYR A 713 -38.57 22.59 -20.40
C TYR A 713 -39.35 23.16 -21.56
N ARG A 714 -38.79 23.10 -22.76
CA ARG A 714 -39.49 23.60 -23.94
C ARG A 714 -40.73 22.77 -24.22
N MET A 715 -40.63 21.45 -24.05
CA MET A 715 -41.80 20.58 -24.22
C MET A 715 -42.88 20.92 -23.20
N ILE A 716 -42.48 21.20 -21.96
CA ILE A 716 -43.44 21.59 -20.94
C ILE A 716 -44.10 22.92 -21.30
N LYS A 717 -43.31 23.88 -21.77
CA LYS A 717 -43.86 25.16 -22.19
C LYS A 717 -44.91 24.96 -23.28
N LEU A 718 -44.59 24.14 -24.29
CA LEU A 718 -45.56 23.89 -25.35
C LEU A 718 -46.79 23.17 -24.81
N GLY A 719 -46.60 22.24 -23.87
CA GLY A 719 -47.73 21.50 -23.35
C GLY A 719 -48.71 22.37 -22.57
N LEU A 720 -48.19 23.22 -21.70
CA LEU A 720 -49.07 24.11 -20.93
C LEU A 720 -49.39 25.40 -21.66
N GLY A 721 -48.66 25.73 -22.72
CA GLY A 721 -48.98 26.88 -23.53
C GLY A 721 -48.14 28.11 -23.18
N ILE A 722 -47.13 28.39 -24.00
CA ILE A 722 -46.30 29.57 -23.82
C ILE A 722 -45.98 30.16 -25.20
N GLU B 43 39.83 -10.21 45.90
CA GLU B 43 38.38 -10.27 45.82
C GLU B 43 37.90 -10.20 44.37
N VAL B 44 37.85 -8.99 43.83
CA VAL B 44 37.38 -8.81 42.46
C VAL B 44 38.34 -9.49 41.50
N GLU B 45 37.79 -10.24 40.56
CA GLU B 45 38.57 -11.02 39.60
C GLU B 45 38.13 -10.63 38.19
N THR B 46 38.89 -9.75 37.56
CA THR B 46 38.52 -9.24 36.24
C THR B 46 38.83 -10.27 35.15
N PHE B 47 38.01 -10.25 34.10
CA PHE B 47 38.16 -11.13 32.96
C PHE B 47 38.12 -10.30 31.70
N ALA B 48 38.14 -10.96 30.55
CA ALA B 48 38.04 -10.30 29.26
C ALA B 48 37.05 -11.06 28.40
N PHE B 49 36.28 -10.32 27.60
CA PHE B 49 35.27 -10.95 26.76
C PHE B 49 35.94 -11.86 25.73
N GLN B 50 35.28 -12.97 25.41
CA GLN B 50 35.74 -13.90 24.41
C GLN B 50 34.62 -14.14 23.40
N ALA B 51 34.95 -14.87 22.34
CA ALA B 51 33.99 -15.20 21.31
C ALA B 51 34.14 -16.65 20.89
N GLU B 52 33.01 -17.30 20.63
CA GLU B 52 33.01 -18.64 20.05
C GLU B 52 33.15 -18.51 18.54
N ILE B 53 34.34 -18.81 18.03
CA ILE B 53 34.64 -18.52 16.63
C ILE B 53 33.74 -19.35 15.70
N ALA B 54 33.55 -20.62 16.03
CA ALA B 54 32.71 -21.47 15.19
C ALA B 54 31.27 -20.97 15.15
N GLN B 55 30.71 -20.66 16.33
CA GLN B 55 29.34 -20.17 16.37
C GLN B 55 29.23 -18.79 15.74
N LEU B 56 30.25 -17.95 15.91
CA LEU B 56 30.24 -16.63 15.27
C LEU B 56 30.24 -16.76 13.76
N MET B 57 31.06 -17.66 13.23
CA MET B 57 31.08 -17.90 11.80
C MET B 57 29.74 -18.43 11.30
N SER B 58 29.13 -19.35 12.07
CA SER B 58 27.81 -19.84 11.68
C SER B 58 26.78 -18.73 11.69
N LEU B 59 26.86 -17.83 12.67
CA LEU B 59 25.96 -16.68 12.72
C LEU B 59 26.12 -15.81 11.49
N ILE B 60 27.37 -15.55 11.09
CA ILE B 60 27.60 -14.73 9.91
C ILE B 60 27.04 -15.42 8.68
N ILE B 61 27.25 -16.73 8.56
CA ILE B 61 26.83 -17.44 7.37
C ILE B 61 25.31 -17.53 7.27
N ASN B 62 24.63 -17.70 8.41
CA ASN B 62 23.23 -18.09 8.37
C ASN B 62 22.25 -16.98 8.72
N THR B 63 22.64 -15.99 9.52
CA THR B 63 21.65 -15.07 10.06
C THR B 63 21.81 -13.62 9.62
N PHE B 64 23.03 -13.17 9.30
CA PHE B 64 23.22 -11.76 8.99
C PHE B 64 22.50 -11.36 7.71
N TYR B 65 22.61 -12.19 6.67
CA TYR B 65 22.20 -11.81 5.33
C TYR B 65 21.00 -12.64 4.90
N SER B 66 19.92 -11.97 4.53
CA SER B 66 18.72 -12.68 4.08
C SER B 66 18.87 -13.19 2.65
N ASN B 67 19.34 -12.34 1.75
CA ASN B 67 19.47 -12.69 0.34
C ASN B 67 20.89 -13.16 0.06
N LYS B 68 21.01 -14.33 -0.57
CA LYS B 68 22.32 -14.91 -0.81
C LYS B 68 23.06 -14.29 -1.99
N GLU B 69 22.38 -13.49 -2.82
CA GLU B 69 23.02 -12.96 -4.01
C GLU B 69 23.92 -11.77 -3.72
N ILE B 70 23.95 -11.29 -2.49
CA ILE B 70 24.71 -10.07 -2.18
C ILE B 70 26.20 -10.33 -1.99
N PHE B 71 26.66 -11.57 -2.11
CA PHE B 71 28.08 -11.84 -1.94
C PHE B 71 28.91 -11.04 -2.95
N LEU B 72 28.47 -11.01 -4.21
CA LEU B 72 29.11 -10.14 -5.19
C LEU B 72 29.19 -8.72 -4.66
N ARG B 73 28.07 -8.20 -4.15
CA ARG B 73 28.03 -6.84 -3.61
C ARG B 73 29.15 -6.61 -2.62
N GLU B 74 29.46 -7.62 -1.81
CA GLU B 74 30.55 -7.47 -0.86
C GLU B 74 31.89 -7.57 -1.56
N LEU B 75 32.09 -8.63 -2.36
CA LEU B 75 33.39 -8.86 -2.95
C LEU B 75 33.82 -7.68 -3.80
N ILE B 76 32.96 -7.26 -4.71
CA ILE B 76 33.25 -6.09 -5.54
C ILE B 76 33.59 -4.90 -4.66
N SER B 77 32.80 -4.69 -3.60
CA SER B 77 33.08 -3.61 -2.67
C SER B 77 34.49 -3.71 -2.15
N ASN B 78 34.87 -4.90 -1.64
CA ASN B 78 36.23 -5.08 -1.17
C ASN B 78 37.21 -4.81 -2.30
N ALA B 79 36.94 -5.36 -3.48
CA ALA B 79 37.80 -5.10 -4.62
C ALA B 79 37.89 -3.61 -4.88
N SER B 80 36.75 -2.92 -4.85
CA SER B 80 36.76 -1.47 -5.04
C SER B 80 37.71 -0.82 -4.04
N ASP B 81 37.58 -1.18 -2.77
CA ASP B 81 38.48 -0.61 -1.78
C ASP B 81 39.92 -0.96 -2.08
N ALA B 82 40.16 -2.23 -2.47
CA ALA B 82 41.51 -2.64 -2.84
C ALA B 82 42.07 -1.72 -3.92
N LEU B 83 41.22 -1.31 -4.86
CA LEU B 83 41.67 -0.35 -5.86
C LEU B 83 41.88 1.02 -5.25
N ASP B 84 40.90 1.51 -4.49
CA ASP B 84 40.99 2.87 -3.95
C ASP B 84 42.32 3.06 -3.23
N LYS B 85 42.65 2.14 -2.33
CA LYS B 85 43.90 2.22 -1.59
C LYS B 85 45.08 2.43 -2.53
N ILE B 86 45.25 1.54 -3.51
CA ILE B 86 46.44 1.64 -4.34
C ILE B 86 46.41 2.95 -5.11
N ARG B 87 45.22 3.36 -5.56
CA ARG B 87 45.13 4.62 -6.29
C ARG B 87 45.60 5.76 -5.42
N TYR B 88 45.19 5.76 -4.14
CA TYR B 88 45.66 6.79 -3.23
C TYR B 88 47.18 6.74 -3.10
N GLU B 89 47.73 5.53 -2.96
CA GLU B 89 49.17 5.42 -2.84
C GLU B 89 49.88 5.76 -4.14
N SER B 90 49.15 5.87 -5.24
CA SER B 90 49.75 6.33 -6.48
C SER B 90 49.83 7.84 -6.56
N LEU B 91 49.13 8.57 -5.70
CA LEU B 91 49.12 10.02 -5.80
C LEU B 91 50.48 10.61 -5.46
N THR B 92 51.08 10.15 -4.36
CA THR B 92 52.36 10.66 -3.92
C THR B 92 53.52 9.74 -4.27
N ASP B 93 53.26 8.65 -4.98
CA ASP B 93 54.31 7.72 -5.36
C ASP B 93 53.87 6.92 -6.59
N PRO B 94 54.00 7.48 -7.79
CA PRO B 94 53.60 6.74 -8.99
C PRO B 94 54.38 5.46 -9.21
N SER B 95 55.59 5.36 -8.66
CA SER B 95 56.40 4.16 -8.84
C SER B 95 55.72 2.93 -8.26
N LYS B 96 54.72 3.10 -7.40
CA LYS B 96 54.03 1.96 -6.84
C LYS B 96 53.08 1.32 -7.85
N LEU B 97 52.85 1.94 -8.99
CA LEU B 97 52.01 1.36 -10.03
C LEU B 97 52.82 0.66 -11.12
N ASP B 98 54.13 0.49 -10.94
CA ASP B 98 54.94 -0.16 -11.97
C ASP B 98 54.53 -1.62 -12.16
N SER B 99 54.02 -2.27 -11.11
CA SER B 99 53.59 -3.66 -11.25
C SER B 99 52.39 -3.76 -12.19
N GLY B 100 51.46 -2.82 -12.12
CA GLY B 100 50.31 -2.80 -13.00
C GLY B 100 49.76 -1.40 -13.16
N LYS B 101 49.54 -0.99 -14.40
CA LYS B 101 49.13 0.38 -14.70
C LYS B 101 47.61 0.53 -14.75
N GLU B 102 46.86 -0.53 -14.58
CA GLU B 102 45.42 -0.52 -14.83
C GLU B 102 44.67 -0.94 -13.57
N LEU B 103 43.56 -0.26 -13.29
CA LEU B 103 42.69 -0.55 -12.17
C LEU B 103 41.35 -1.04 -12.71
N LYS B 104 41.04 -2.31 -12.48
CA LYS B 104 39.83 -2.90 -13.06
C LYS B 104 39.38 -4.06 -12.19
N ILE B 105 38.16 -4.51 -12.45
CA ILE B 105 37.56 -5.66 -11.77
C ILE B 105 37.04 -6.60 -12.84
N ASP B 106 37.35 -7.88 -12.69
CA ASP B 106 36.93 -8.91 -13.65
C ASP B 106 36.15 -10.00 -12.94
N ILE B 107 35.09 -10.47 -13.59
CA ILE B 107 34.28 -11.57 -13.10
C ILE B 107 34.36 -12.71 -14.11
N ILE B 108 34.80 -13.87 -13.64
CA ILE B 108 35.04 -15.02 -14.50
C ILE B 108 34.25 -16.22 -13.98
N PRO B 109 33.09 -16.51 -14.53
CA PRO B 109 32.41 -17.77 -14.18
C PRO B 109 32.94 -18.92 -15.01
N ASN B 110 33.22 -20.06 -14.37
CA ASN B 110 33.74 -21.25 -15.03
C ASN B 110 32.87 -22.43 -14.61
N PRO B 111 31.85 -22.76 -15.42
CA PRO B 111 30.98 -23.89 -15.07
C PRO B 111 31.68 -25.24 -15.13
N GLN B 112 32.80 -25.34 -15.85
CA GLN B 112 33.51 -26.62 -15.91
C GLN B 112 33.96 -27.07 -14.53
N GLU B 113 34.51 -26.16 -13.75
CA GLU B 113 34.91 -26.44 -12.37
C GLU B 113 33.94 -25.85 -11.37
N ARG B 114 32.86 -25.22 -11.82
CA ARG B 114 31.88 -24.58 -10.94
C ARG B 114 32.52 -23.56 -10.03
N THR B 115 33.34 -22.68 -10.61
CA THR B 115 34.05 -21.67 -9.84
C THR B 115 33.71 -20.27 -10.33
N LEU B 116 33.38 -19.38 -9.42
CA LEU B 116 33.21 -17.96 -9.73
C LEU B 116 34.44 -17.21 -9.25
N THR B 117 35.15 -16.57 -10.17
CA THR B 117 36.39 -15.89 -9.85
C THR B 117 36.19 -14.38 -9.97
N LEU B 118 36.79 -13.64 -9.05
CA LEU B 118 36.71 -12.19 -9.03
C LEU B 118 38.12 -11.64 -8.89
N VAL B 119 38.61 -10.99 -9.94
CA VAL B 119 40.00 -10.52 -10.01
C VAL B 119 40.00 -9.01 -9.92
N ASP B 120 40.94 -8.46 -9.14
CA ASP B 120 41.10 -7.03 -9.04
C ASP B 120 42.57 -6.71 -8.93
N THR B 121 42.99 -5.64 -9.61
CA THR B 121 44.36 -5.18 -9.56
C THR B 121 44.54 -4.11 -8.48
N GLY B 122 44.09 -4.43 -7.27
CA GLY B 122 44.13 -3.50 -6.17
C GLY B 122 45.45 -3.50 -5.45
N ILE B 123 45.41 -3.08 -4.18
CA ILE B 123 46.63 -3.02 -3.40
C ILE B 123 47.17 -4.42 -3.12
N GLY B 124 46.28 -5.40 -2.96
CA GLY B 124 46.68 -6.72 -2.57
C GLY B 124 46.96 -6.79 -1.08
N MET B 125 47.21 -8.01 -0.61
CA MET B 125 47.43 -8.24 0.81
C MET B 125 48.70 -9.04 1.03
N THR B 126 49.47 -8.64 2.04
CA THR B 126 50.64 -9.38 2.45
C THR B 126 50.23 -10.58 3.29
N LYS B 127 51.20 -11.41 3.66
CA LYS B 127 50.90 -12.54 4.53
C LYS B 127 50.40 -12.05 5.88
N ALA B 128 51.04 -11.01 6.43
CA ALA B 128 50.55 -10.42 7.66
C ALA B 128 49.15 -9.85 7.47
N ASP B 129 48.90 -9.21 6.32
CA ASP B 129 47.56 -8.73 6.02
C ASP B 129 46.59 -9.89 5.86
N LEU B 130 47.05 -10.99 5.27
CA LEU B 130 46.18 -12.15 5.11
C LEU B 130 45.73 -12.68 6.46
N ILE B 131 46.66 -12.83 7.39
CA ILE B 131 46.32 -13.39 8.71
C ILE B 131 45.49 -12.38 9.51
N ASN B 132 45.92 -11.12 9.52
CA ASN B 132 45.31 -10.14 10.41
C ASN B 132 43.94 -9.69 9.91
N ASN B 133 43.78 -9.51 8.60
CA ASN B 133 42.56 -8.93 8.07
C ASN B 133 41.54 -9.98 7.65
N LEU B 134 41.92 -10.85 6.72
CA LEU B 134 41.00 -11.90 6.29
C LEU B 134 40.74 -12.90 7.41
N GLY B 135 41.79 -13.29 8.13
CA GLY B 135 41.66 -14.35 9.11
C GLY B 135 41.01 -13.93 10.41
N THR B 136 40.79 -12.64 10.62
CA THR B 136 40.18 -12.13 11.85
C THR B 136 38.82 -11.54 11.53
N ILE B 137 37.79 -12.04 12.20
CA ILE B 137 36.44 -11.52 12.05
C ILE B 137 36.36 -10.18 12.77
N ALA B 138 35.52 -9.28 12.26
CA ALA B 138 35.28 -7.96 12.81
C ALA B 138 36.52 -7.07 12.83
N LYS B 139 37.61 -7.52 12.22
CA LYS B 139 38.82 -6.70 12.07
C LYS B 139 38.93 -6.33 10.60
N SER B 140 38.74 -5.05 10.30
CA SER B 140 38.77 -4.56 8.92
C SER B 140 40.07 -3.80 8.72
N GLY B 141 40.85 -4.20 7.71
CA GLY B 141 42.00 -3.42 7.32
C GLY B 141 41.62 -2.11 6.66
N THR B 142 40.44 -2.06 6.04
CA THR B 142 40.02 -0.84 5.36
C THR B 142 39.81 0.29 6.33
N LYS B 143 39.14 0.03 7.46
CA LYS B 143 38.94 1.08 8.46
C LYS B 143 40.27 1.53 9.05
N ALA B 144 41.17 0.58 9.31
CA ALA B 144 42.49 0.94 9.84
C ALA B 144 43.25 1.82 8.86
N PHE B 145 43.18 1.50 7.57
CA PHE B 145 43.80 2.35 6.56
C PHE B 145 43.13 3.72 6.52
N MET B 146 41.81 3.76 6.67
CA MET B 146 41.09 5.03 6.58
C MET B 146 41.46 5.95 7.73
N GLU B 147 41.60 5.40 8.95
CA GLU B 147 41.93 6.24 10.09
C GLU B 147 43.40 6.68 10.07
N ALA B 148 44.26 5.96 9.34
CA ALA B 148 45.66 6.34 9.24
C ALA B 148 45.90 7.42 8.21
N LEU B 149 44.87 7.85 7.48
CA LEU B 149 45.01 8.94 6.53
C LEU B 149 45.33 10.24 7.25
N GLN B 150 46.09 11.09 6.58
CA GLN B 150 46.40 12.40 7.11
C GLN B 150 45.27 13.38 6.79
N ALA B 151 44.76 14.04 7.84
CA ALA B 151 43.70 15.04 7.70
C ALA B 151 42.50 14.50 6.94
N GLY B 152 41.95 15.31 6.04
CA GLY B 152 40.84 14.89 5.21
C GLY B 152 41.26 14.61 3.78
N ALA B 153 41.33 13.34 3.42
CA ALA B 153 41.73 12.94 2.08
C ALA B 153 40.50 12.86 1.17
N ASP B 154 40.67 12.31 -0.03
CA ASP B 154 39.61 12.24 -1.01
C ASP B 154 39.03 10.83 -1.17
N ILE B 155 39.37 9.91 -0.28
CA ILE B 155 38.85 8.56 -0.37
C ILE B 155 37.60 8.44 0.50
N SER B 156 36.76 7.48 0.15
CA SER B 156 35.63 7.08 1.00
C SER B 156 35.33 5.62 0.64
N MET B 157 35.83 4.71 1.45
CA MET B 157 35.72 3.28 1.17
C MET B 157 34.50 2.69 1.86
N ILE B 158 33.96 1.64 1.25
CA ILE B 158 32.72 1.06 1.74
C ILE B 158 32.93 0.34 3.06
N GLY B 159 34.04 -0.39 3.20
CA GLY B 159 34.26 -1.26 4.34
C GLY B 159 34.29 -0.58 5.69
N GLN B 160 33.45 -1.05 6.61
CA GLN B 160 33.43 -0.55 7.98
C GLN B 160 33.37 -1.62 9.06
N PHE B 161 32.79 -2.79 8.79
CA PHE B 161 32.44 -3.71 9.86
C PHE B 161 33.48 -4.79 10.10
N GLY B 162 33.96 -5.44 9.05
CA GLY B 162 34.91 -6.52 9.19
C GLY B 162 34.35 -7.90 8.91
N VAL B 163 33.07 -8.01 8.56
CA VAL B 163 32.43 -9.29 8.35
C VAL B 163 31.92 -9.45 6.92
N GLY B 164 32.30 -8.54 6.02
CA GLY B 164 31.79 -8.61 4.66
C GLY B 164 32.31 -9.80 3.88
N PHE B 165 33.59 -10.14 4.05
CA PHE B 165 34.20 -11.17 3.22
C PHE B 165 33.54 -12.52 3.43
N TYR B 166 33.21 -12.85 4.68
CA TYR B 166 32.68 -14.17 4.98
C TYR B 166 31.31 -14.39 4.37
N SER B 167 30.64 -13.33 3.91
CA SER B 167 29.40 -13.50 3.18
C SER B 167 29.61 -14.30 1.90
N ALA B 168 30.85 -14.39 1.42
CA ALA B 168 31.12 -15.26 0.28
C ALA B 168 30.71 -16.70 0.56
N TYR B 169 30.78 -17.12 1.83
CA TYR B 169 30.40 -18.49 2.15
C TYR B 169 28.89 -18.69 2.13
N LEU B 170 28.12 -17.66 1.81
CA LEU B 170 26.70 -17.86 1.54
C LEU B 170 26.49 -18.76 0.33
N VAL B 171 27.46 -18.78 -0.58
CA VAL B 171 27.34 -19.53 -1.83
C VAL B 171 28.46 -20.56 -1.92
N ALA B 172 29.70 -20.10 -1.72
CA ALA B 172 30.84 -20.98 -1.88
C ALA B 172 30.89 -22.04 -0.79
N GLU B 173 31.34 -23.24 -1.15
CA GLU B 173 31.72 -24.24 -0.17
C GLU B 173 33.21 -24.22 0.10
N LYS B 174 33.98 -23.44 -0.65
CA LYS B 174 35.40 -23.26 -0.42
C LYS B 174 35.81 -21.94 -1.08
N VAL B 175 36.71 -21.21 -0.43
CA VAL B 175 37.18 -19.93 -0.96
C VAL B 175 38.70 -19.96 -0.98
N VAL B 176 39.27 -19.58 -2.13
CA VAL B 176 40.71 -19.50 -2.30
C VAL B 176 41.03 -18.08 -2.77
N VAL B 177 41.74 -17.33 -1.94
CA VAL B 177 42.11 -15.96 -2.27
C VAL B 177 43.59 -15.94 -2.60
N ILE B 178 43.91 -15.65 -3.85
CA ILE B 178 45.28 -15.59 -4.32
C ILE B 178 45.67 -14.12 -4.37
N THR B 179 46.49 -13.68 -3.43
CA THR B 179 46.84 -12.28 -3.29
C THR B 179 48.30 -12.06 -3.63
N LYS B 180 48.62 -10.84 -4.06
CA LYS B 180 49.99 -10.47 -4.37
C LYS B 180 50.12 -8.97 -4.12
N HIS B 181 50.74 -8.62 -3.00
CA HIS B 181 51.04 -7.24 -2.65
C HIS B 181 52.31 -6.80 -3.36
N ASN B 182 52.52 -5.49 -3.39
CA ASN B 182 53.72 -4.95 -4.01
C ASN B 182 54.99 -5.29 -3.24
N ASP B 183 54.88 -5.64 -1.96
CA ASP B 183 56.05 -5.82 -1.11
C ASP B 183 56.52 -7.27 -1.06
N ASP B 184 55.67 -8.19 -0.61
CA ASP B 184 56.06 -9.59 -0.50
C ASP B 184 55.51 -10.39 -1.67
N GLU B 185 55.77 -11.69 -1.62
CA GLU B 185 55.49 -12.55 -2.76
C GLU B 185 54.01 -12.95 -2.79
N GLN B 186 53.65 -13.68 -3.85
CA GLN B 186 52.27 -14.08 -4.04
C GLN B 186 51.89 -15.22 -3.12
N TYR B 187 50.77 -15.06 -2.41
CA TYR B 187 50.33 -16.03 -1.41
C TYR B 187 48.91 -16.48 -1.75
N ALA B 188 48.53 -17.62 -1.17
CA ALA B 188 47.22 -18.22 -1.35
C ALA B 188 46.60 -18.53 0.00
N TRP B 189 45.32 -18.18 0.14
CA TRP B 189 44.58 -18.29 1.39
C TRP B 189 43.39 -19.18 1.12
N GLU B 190 43.39 -20.39 1.66
CA GLU B 190 42.36 -21.37 1.36
C GLU B 190 41.56 -21.66 2.62
N SER B 191 40.24 -21.68 2.49
CA SER B 191 39.41 -21.96 3.66
C SER B 191 38.06 -22.49 3.22
N SER B 192 37.36 -23.10 4.17
CA SER B 192 36.02 -23.64 3.96
C SER B 192 35.12 -23.35 5.14
N ALA B 193 35.42 -22.26 5.88
CA ALA B 193 34.62 -21.83 7.03
C ALA B 193 34.52 -22.90 8.10
N GLY B 194 35.51 -23.78 8.17
CA GLY B 194 35.50 -24.85 9.14
C GLY B 194 36.26 -24.50 10.41
N GLY B 195 36.49 -23.21 10.63
CA GLY B 195 37.24 -22.76 11.78
C GLY B 195 38.74 -22.74 11.60
N SER B 196 39.24 -22.99 10.39
CA SER B 196 40.67 -22.95 10.13
C SER B 196 40.89 -22.61 8.67
N PHE B 197 42.06 -22.03 8.40
CA PHE B 197 42.43 -21.69 7.03
C PHE B 197 43.92 -21.90 6.85
N THR B 198 44.33 -22.09 5.60
CA THR B 198 45.71 -22.39 5.28
C THR B 198 46.28 -21.29 4.38
N VAL B 199 47.45 -20.80 4.74
CA VAL B 199 48.18 -19.81 3.94
C VAL B 199 49.41 -20.49 3.36
N ARG B 200 49.63 -20.31 2.06
CA ARG B 200 50.63 -21.08 1.35
C ARG B 200 51.29 -20.22 0.29
N ALA B 201 52.59 -20.42 0.09
CA ALA B 201 53.26 -19.81 -1.05
C ALA B 201 52.64 -20.34 -2.34
N ASP B 202 52.28 -19.42 -3.24
CA ASP B 202 51.48 -19.82 -4.40
C ASP B 202 52.33 -20.50 -5.47
N HIS B 203 53.31 -19.78 -6.01
CA HIS B 203 54.15 -20.25 -7.10
C HIS B 203 53.33 -20.66 -8.33
N GLY B 204 52.11 -20.16 -8.46
CA GLY B 204 51.30 -20.35 -9.64
C GLY B 204 51.58 -19.29 -10.67
N GLU B 205 50.64 -19.14 -11.60
CA GLU B 205 50.79 -18.09 -12.59
C GLU B 205 50.74 -16.73 -11.90
N PRO B 206 51.63 -15.80 -12.27
CA PRO B 206 51.68 -14.52 -11.57
C PRO B 206 50.42 -13.70 -11.77
N ILE B 207 50.07 -12.92 -10.76
CA ILE B 207 48.90 -12.06 -10.79
C ILE B 207 49.30 -10.58 -10.88
N GLY B 208 50.58 -10.31 -11.11
CA GLY B 208 51.01 -8.93 -11.11
C GLY B 208 50.88 -8.32 -9.73
N ARG B 209 49.87 -7.48 -9.55
CA ARG B 209 49.54 -6.95 -8.24
C ARG B 209 48.03 -7.04 -8.06
N GLY B 210 47.58 -7.49 -6.90
CA GLY B 210 46.17 -7.48 -6.62
C GLY B 210 45.72 -8.82 -6.07
N THR B 211 44.41 -9.05 -6.10
CA THR B 211 43.83 -10.24 -5.49
C THR B 211 42.86 -10.91 -6.45
N LYS B 212 42.84 -12.23 -6.40
CA LYS B 212 41.95 -13.07 -7.20
C LYS B 212 41.22 -14.00 -6.24
N VAL B 213 39.92 -13.80 -6.09
CA VAL B 213 39.12 -14.58 -5.15
C VAL B 213 38.34 -15.62 -5.94
N ILE B 214 38.56 -16.89 -5.63
CA ILE B 214 37.90 -18.00 -6.32
C ILE B 214 36.93 -18.64 -5.35
N LEU B 215 35.66 -18.66 -5.70
CA LEU B 215 34.62 -19.31 -4.92
C LEU B 215 34.23 -20.60 -5.60
N HIS B 216 34.41 -21.72 -4.92
CA HIS B 216 33.90 -23.01 -5.40
C HIS B 216 32.45 -23.10 -4.97
N LEU B 217 31.54 -22.76 -5.87
CA LEU B 217 30.14 -22.69 -5.53
C LEU B 217 29.62 -24.05 -5.09
N LYS B 218 28.76 -24.06 -4.09
CA LYS B 218 28.11 -25.30 -3.68
C LYS B 218 27.09 -25.72 -4.74
N GLU B 219 26.62 -26.95 -4.60
CA GLU B 219 25.76 -27.53 -5.64
C GLU B 219 24.49 -26.72 -5.85
N ASP B 220 23.84 -26.32 -4.74
CA ASP B 220 22.56 -25.62 -4.87
C ASP B 220 22.71 -24.28 -5.56
N GLN B 221 23.72 -23.51 -5.19
CA GLN B 221 23.88 -22.15 -5.68
C GLN B 221 24.77 -22.09 -6.92
N THR B 222 24.42 -22.88 -7.93
CA THR B 222 25.14 -22.88 -9.20
C THR B 222 24.53 -21.91 -10.20
N GLU B 223 23.47 -21.20 -9.83
CA GLU B 223 22.84 -20.24 -10.73
C GLU B 223 23.70 -19.00 -10.95
N TYR B 224 24.75 -18.83 -10.17
CA TYR B 224 25.59 -17.65 -10.31
C TYR B 224 26.72 -17.84 -11.31
N LEU B 225 26.78 -19.00 -11.96
CA LEU B 225 27.66 -19.14 -13.12
C LEU B 225 27.01 -18.58 -14.39
N GLU B 226 25.69 -18.46 -14.41
CA GLU B 226 25.00 -17.93 -15.56
C GLU B 226 25.34 -16.47 -15.77
N GLU B 227 25.40 -16.06 -17.04
CA GLU B 227 25.64 -14.66 -17.35
C GLU B 227 24.51 -13.77 -16.83
N ARG B 228 23.27 -14.24 -16.98
CA ARG B 228 22.12 -13.43 -16.62
C ARG B 228 22.13 -13.07 -15.14
N ARG B 229 22.38 -14.04 -14.26
CA ARG B 229 22.38 -13.78 -12.83
C ARG B 229 23.48 -12.82 -12.44
N VAL B 230 24.68 -13.01 -12.98
CA VAL B 230 25.79 -12.12 -12.64
C VAL B 230 25.48 -10.70 -13.08
N LYS B 231 25.00 -10.54 -14.31
CA LYS B 231 24.67 -9.21 -14.79
C LYS B 231 23.59 -8.55 -13.94
N GLU B 232 22.55 -9.31 -13.60
CA GLU B 232 21.45 -8.77 -12.82
C GLU B 232 21.91 -8.34 -11.43
N VAL B 233 22.72 -9.19 -10.77
CA VAL B 233 23.21 -8.86 -9.44
C VAL B 233 24.09 -7.62 -9.47
N VAL B 234 25.03 -7.57 -10.42
CA VAL B 234 25.94 -6.43 -10.49
C VAL B 234 25.17 -5.15 -10.79
N LYS B 235 24.19 -5.22 -11.69
CA LYS B 235 23.41 -4.04 -12.00
C LYS B 235 22.58 -3.59 -10.81
N LYS B 236 22.07 -4.54 -10.02
CA LYS B 236 21.22 -4.18 -8.89
C LYS B 236 22.02 -3.53 -7.77
N HIS B 237 23.16 -4.13 -7.40
CA HIS B 237 23.84 -3.74 -6.17
C HIS B 237 25.02 -2.80 -6.42
N SER B 238 25.98 -3.21 -7.23
CA SER B 238 27.25 -2.50 -7.38
C SER B 238 27.37 -1.86 -8.76
N GLN B 239 26.27 -1.28 -9.25
CA GLN B 239 26.26 -0.72 -10.59
C GLN B 239 27.17 0.50 -10.71
N PHE B 240 27.25 1.32 -9.66
CA PHE B 240 27.94 2.60 -9.75
C PHE B 240 29.31 2.58 -9.09
N ILE B 241 29.97 1.42 -9.09
CA ILE B 241 31.34 1.36 -8.59
C ILE B 241 32.26 2.07 -9.56
N GLY B 242 33.19 2.87 -9.03
CA GLY B 242 33.96 3.78 -9.86
C GLY B 242 34.78 3.07 -10.92
N TYR B 243 35.32 1.92 -10.59
CA TYR B 243 36.24 1.28 -11.51
C TYR B 243 35.50 0.34 -12.46
N PRO B 244 36.03 0.14 -13.66
CA PRO B 244 35.33 -0.71 -14.63
C PRO B 244 35.25 -2.16 -14.16
N ILE B 245 34.05 -2.72 -14.23
CA ILE B 245 33.80 -4.12 -13.91
C ILE B 245 33.54 -4.84 -15.22
N THR B 246 34.35 -5.85 -15.50
CA THR B 246 34.26 -6.60 -16.75
C THR B 246 33.89 -8.04 -16.45
N LEU B 247 32.89 -8.56 -17.15
CA LEU B 247 32.47 -9.94 -17.04
C LEU B 247 33.05 -10.71 -18.22
N TYR B 248 33.82 -11.75 -17.93
CA TYR B 248 34.39 -12.62 -18.94
C TYR B 248 33.47 -13.81 -19.17
N LEU B 249 33.45 -14.28 -20.41
CA LEU B 249 32.58 -15.40 -20.76
C LEU B 249 33.19 -16.10 -21.95
N GLU B 250 32.64 -17.27 -22.27
CA GLU B 250 33.12 -18.08 -23.38
C GLU B 250 32.00 -18.24 -24.39
N LYS B 251 32.19 -17.70 -25.60
CA LYS B 251 31.17 -17.76 -26.63
C LYS B 251 31.75 -18.18 -27.97
N GLU B 306 33.61 -19.01 -33.54
CA GLU B 306 34.05 -20.26 -32.92
C GLU B 306 33.92 -20.18 -31.41
N LYS B 307 34.99 -20.46 -30.69
CA LYS B 307 35.03 -20.37 -29.24
C LYS B 307 36.07 -19.33 -28.84
N TYR B 308 35.62 -18.24 -28.23
CA TYR B 308 36.49 -17.14 -27.86
C TYR B 308 36.03 -16.53 -26.55
N ILE B 309 36.96 -15.86 -25.88
CA ILE B 309 36.64 -15.16 -24.63
C ILE B 309 36.02 -13.81 -24.96
N ASP B 310 34.81 -13.59 -24.48
CA ASP B 310 34.08 -12.35 -24.69
C ASP B 310 34.02 -11.56 -23.40
N GLN B 311 34.35 -10.27 -23.47
CA GLN B 311 34.38 -9.39 -22.32
C GLN B 311 33.26 -8.37 -22.45
N GLU B 312 32.50 -8.19 -21.37
CA GLU B 312 31.40 -7.24 -21.37
C GLU B 312 31.52 -6.35 -20.13
N GLU B 313 31.55 -5.04 -20.34
CA GLU B 313 31.68 -4.12 -19.22
C GLU B 313 30.32 -3.96 -18.55
N LEU B 314 30.21 -4.45 -17.32
CA LEU B 314 28.91 -4.48 -16.65
C LEU B 314 28.46 -3.09 -16.22
N ASN B 315 29.38 -2.24 -15.81
CA ASN B 315 29.05 -0.89 -15.38
C ASN B 315 29.69 0.11 -16.33
N LYS B 316 28.86 0.96 -16.93
CA LYS B 316 29.34 2.00 -17.83
C LYS B 316 28.80 3.37 -17.51
N THR B 317 27.65 3.47 -16.87
CA THR B 317 27.04 4.76 -16.54
C THR B 317 27.74 5.32 -15.31
N LYS B 318 28.62 6.29 -15.52
CA LYS B 318 29.30 6.92 -14.40
C LYS B 318 28.29 7.64 -13.51
N PRO B 319 28.44 7.58 -12.20
CA PRO B 319 27.51 8.31 -11.33
C PRO B 319 27.73 9.81 -11.40
N ILE B 320 26.83 10.52 -12.09
CA ILE B 320 27.03 11.94 -12.32
C ILE B 320 26.68 12.78 -11.10
N TRP B 321 25.92 12.24 -10.14
CA TRP B 321 25.55 13.03 -8.98
C TRP B 321 26.76 13.44 -8.15
N THR B 322 27.84 12.67 -8.23
CA THR B 322 29.06 13.05 -7.52
C THR B 322 29.64 14.33 -8.09
N ARG B 323 29.56 14.51 -9.39
CA ARG B 323 30.12 15.69 -10.04
C ARG B 323 29.37 16.94 -9.59
N ASN B 324 30.02 18.08 -9.77
CA ASN B 324 29.41 19.35 -9.39
C ASN B 324 28.20 19.62 -10.30
N PRO B 325 27.05 20.01 -9.74
CA PRO B 325 25.88 20.22 -10.60
C PRO B 325 26.07 21.31 -11.64
N ASP B 326 26.91 22.30 -11.36
CA ASP B 326 27.10 23.41 -12.29
C ASP B 326 27.78 22.96 -13.57
N ASP B 327 28.63 21.93 -13.50
CA ASP B 327 29.39 21.50 -14.67
C ASP B 327 28.56 20.68 -15.65
N ILE B 328 27.58 19.92 -15.14
CA ILE B 328 26.89 18.95 -15.98
C ILE B 328 25.99 19.67 -16.98
N THR B 329 26.06 19.26 -18.24
CA THR B 329 25.17 19.77 -19.26
C THR B 329 23.87 18.97 -19.25
N GLN B 330 22.90 19.43 -20.07
CA GLN B 330 21.60 18.76 -20.10
C GLN B 330 21.69 17.41 -20.80
N GLU B 331 22.59 17.28 -21.77
CA GLU B 331 22.71 16.00 -22.49
C GLU B 331 23.17 14.90 -21.56
N GLU B 332 24.14 15.19 -20.68
CA GLU B 332 24.60 14.19 -19.73
C GLU B 332 23.49 13.80 -18.76
N TYR B 333 22.71 14.79 -18.29
CA TYR B 333 21.57 14.50 -17.43
C TYR B 333 20.59 13.59 -18.14
N GLY B 334 20.29 13.87 -19.41
CA GLY B 334 19.36 13.03 -20.14
C GLY B 334 19.88 11.62 -20.32
N GLU B 335 21.17 11.49 -20.62
CA GLU B 335 21.76 10.16 -20.76
C GLU B 335 21.68 9.38 -19.46
N PHE B 336 22.00 10.03 -18.34
CA PHE B 336 21.91 9.36 -17.05
C PHE B 336 20.47 8.94 -16.75
N TYR B 337 19.51 9.83 -16.99
CA TYR B 337 18.12 9.50 -16.72
C TYR B 337 17.66 8.33 -17.58
N LYS B 338 18.02 8.34 -18.86
CA LYS B 338 17.61 7.26 -19.75
C LYS B 338 18.23 5.93 -19.33
N SER B 339 19.52 5.95 -18.98
CA SER B 339 20.16 4.71 -18.51
C SER B 339 19.52 4.23 -17.22
N LEU B 340 19.17 5.15 -16.33
CA LEU B 340 18.60 4.77 -15.04
C LEU B 340 17.20 4.19 -15.18
N THR B 341 16.40 4.75 -16.09
CA THR B 341 14.98 4.43 -16.17
C THR B 341 14.61 3.58 -17.38
N ASN B 342 15.55 3.30 -18.28
CA ASN B 342 15.28 2.55 -19.50
C ASN B 342 14.16 3.21 -20.31
N ASP B 343 14.24 4.53 -20.44
CA ASP B 343 13.21 5.31 -21.13
C ASP B 343 13.83 6.01 -22.33
N TRP B 344 13.17 5.89 -23.48
CA TRP B 344 13.66 6.59 -24.67
C TRP B 344 13.51 8.10 -24.52
N GLU B 345 12.41 8.55 -23.92
CA GLU B 345 12.27 9.97 -23.61
C GLU B 345 13.23 10.35 -22.50
N ASP B 346 13.82 11.54 -22.63
CA ASP B 346 14.72 12.02 -21.59
C ASP B 346 13.92 12.65 -20.46
N HIS B 347 14.63 13.29 -19.54
CA HIS B 347 13.98 13.91 -18.40
C HIS B 347 13.29 15.21 -18.82
N LEU B 348 12.28 15.58 -18.04
CA LEU B 348 11.62 16.87 -18.24
C LEU B 348 12.33 17.98 -17.48
N ALA B 349 12.63 17.75 -16.20
CA ALA B 349 13.43 18.68 -15.42
C ALA B 349 14.19 17.88 -14.37
N VAL B 350 15.29 18.47 -13.89
CA VAL B 350 16.20 17.81 -12.96
C VAL B 350 16.54 18.76 -11.83
N LYS B 351 16.54 18.23 -10.61
CA LYS B 351 16.97 18.97 -9.43
C LYS B 351 18.14 18.23 -8.81
N HIS B 352 19.31 18.84 -8.86
CA HIS B 352 20.53 18.25 -8.33
C HIS B 352 21.02 19.14 -7.19
N PHE B 353 21.03 18.60 -5.98
CA PHE B 353 21.39 19.42 -4.83
C PHE B 353 22.17 18.60 -3.82
N SER B 354 22.69 19.28 -2.81
CA SER B 354 23.47 18.66 -1.75
C SER B 354 23.18 19.35 -0.44
N VAL B 355 23.11 18.56 0.63
CA VAL B 355 22.86 19.05 1.98
C VAL B 355 24.08 18.70 2.82
N GLU B 356 24.62 19.70 3.51
CA GLU B 356 25.82 19.53 4.30
C GLU B 356 25.57 19.99 5.73
N GLY B 357 26.25 19.36 6.66
CA GLY B 357 26.10 19.62 8.07
C GLY B 357 26.30 18.33 8.85
N GLN B 358 25.46 18.15 9.88
CA GLN B 358 25.48 16.90 10.64
C GLN B 358 25.01 15.72 9.79
N LEU B 359 24.31 15.98 8.70
CA LEU B 359 23.84 14.94 7.78
C LEU B 359 24.15 15.40 6.38
N GLU B 360 25.20 14.84 5.78
CA GLU B 360 25.65 15.22 4.45
C GLU B 360 25.17 14.19 3.44
N PHE B 361 24.44 14.66 2.42
CA PHE B 361 23.94 13.77 1.38
C PHE B 361 23.61 14.61 0.16
N ARG B 362 23.83 14.06 -1.01
CA ARG B 362 23.51 14.75 -2.25
C ARG B 362 22.50 13.93 -3.04
N ALA B 363 21.53 14.62 -3.63
CA ALA B 363 20.42 13.97 -4.30
C ALA B 363 20.26 14.53 -5.71
N LEU B 364 19.67 13.69 -6.57
CA LEU B 364 19.44 14.00 -7.96
C LEU B 364 18.08 13.48 -8.35
N LEU B 365 17.13 14.38 -8.59
CA LEU B 365 15.75 14.02 -8.88
C LEU B 365 15.41 14.39 -10.32
N PHE B 366 14.55 13.59 -10.94
CA PHE B 366 14.12 13.78 -12.32
C PHE B 366 12.60 13.71 -12.39
N ILE B 367 12.02 14.63 -13.14
CA ILE B 367 10.59 14.63 -13.45
C ILE B 367 10.42 13.96 -14.81
N PRO B 368 9.70 12.84 -14.91
CA PRO B 368 9.53 12.20 -16.21
C PRO B 368 8.77 13.10 -17.17
N ARG B 369 9.05 12.91 -18.47
CA ARG B 369 8.36 13.69 -19.49
C ARG B 369 6.87 13.37 -19.51
N ARG B 370 6.51 12.10 -19.39
CA ARG B 370 5.13 11.65 -19.38
C ARG B 370 4.86 10.84 -18.13
N ALA B 371 3.58 10.64 -17.84
CA ALA B 371 3.25 9.84 -16.67
C ALA B 371 3.14 8.37 -17.04
N PRO B 372 3.59 7.48 -16.16
CA PRO B 372 3.47 6.04 -16.43
C PRO B 372 2.02 5.63 -16.58
N PHE B 373 1.77 4.70 -17.51
CA PHE B 373 0.41 4.24 -17.77
C PHE B 373 -0.19 3.58 -16.53
N ASP B 374 0.53 2.61 -15.95
CA ASP B 374 0.03 1.93 -14.76
C ASP B 374 0.04 2.87 -13.56
N LEU B 375 1.17 3.54 -13.32
CA LEU B 375 1.33 4.49 -12.22
C LEU B 375 0.92 3.86 -10.89
N PHE B 376 -0.12 4.41 -10.26
CA PHE B 376 -0.58 3.89 -8.97
C PHE B 376 -1.04 2.44 -9.12
N GLU B 377 -0.46 1.56 -8.30
CA GLU B 377 -0.85 0.15 -8.31
C GLU B 377 -0.85 -0.41 -6.89
N ASN B 383 10.38 2.03 -5.93
CA ASN B 383 11.26 1.97 -7.11
C ASN B 383 11.57 3.36 -7.63
N ASN B 384 10.92 4.36 -7.03
CA ASN B 384 11.11 5.74 -7.49
C ASN B 384 12.48 6.26 -7.09
N ILE B 385 12.79 6.25 -5.80
CA ILE B 385 14.02 6.82 -5.27
C ILE B 385 14.87 5.67 -4.72
N LYS B 386 16.16 5.70 -5.01
CA LYS B 386 17.09 4.70 -4.52
C LYS B 386 18.14 5.37 -3.64
N LEU B 387 18.38 4.79 -2.47
CA LEU B 387 19.32 5.33 -1.51
C LEU B 387 20.66 4.62 -1.64
N TYR B 388 21.72 5.40 -1.83
CA TYR B 388 23.07 4.89 -1.97
C TYR B 388 23.92 5.43 -0.84
N VAL B 389 24.84 4.62 -0.34
CA VAL B 389 25.81 5.04 0.67
C VAL B 389 27.19 4.70 0.16
N ARG B 390 28.01 5.73 -0.05
CA ARG B 390 29.34 5.56 -0.65
C ARG B 390 29.25 4.82 -1.97
N ARG B 391 28.23 5.16 -2.76
CA ARG B 391 28.07 4.65 -4.13
C ARG B 391 27.89 3.14 -4.16
N VAL B 392 27.04 2.63 -3.28
CA VAL B 392 26.60 1.25 -3.35
C VAL B 392 25.17 1.19 -2.86
N PHE B 393 24.37 0.35 -3.52
CA PHE B 393 22.93 0.34 -3.28
C PHE B 393 22.62 -0.14 -1.87
N ILE B 394 21.69 0.55 -1.22
CA ILE B 394 21.33 0.24 0.16
C ILE B 394 19.90 -0.27 0.24
N MET B 395 18.95 0.58 -0.16
CA MET B 395 17.54 0.22 -0.08
C MET B 395 16.78 0.99 -1.14
N ASP B 396 15.60 0.48 -1.46
CA ASP B 396 14.71 1.11 -2.43
C ASP B 396 13.60 1.83 -1.66
N SER B 397 13.43 3.12 -1.94
CA SER B 397 12.50 3.92 -1.18
C SER B 397 11.05 3.50 -1.43
N CYS B 398 10.25 3.52 -0.37
CA CYS B 398 8.81 3.29 -0.47
C CYS B 398 8.17 3.99 0.72
N ASP B 399 7.62 5.18 0.48
CA ASP B 399 6.94 6.02 1.46
C ASP B 399 7.90 6.56 2.51
N GLU B 400 9.20 6.24 2.45
CA GLU B 400 10.16 6.69 3.44
C GLU B 400 10.88 7.95 2.99
N LEU B 401 11.59 7.88 1.87
CA LEU B 401 12.32 9.03 1.36
C LEU B 401 11.40 10.04 0.70
N ILE B 402 10.31 9.58 0.09
CA ILE B 402 9.44 10.45 -0.70
C ILE B 402 8.00 10.16 -0.30
N PRO B 403 7.11 11.16 -0.31
CA PRO B 403 5.70 10.89 -0.02
C PRO B 403 5.05 10.10 -1.15
N GLU B 404 3.81 9.65 -0.88
CA GLU B 404 3.08 8.87 -1.87
C GLU B 404 2.80 9.69 -3.12
N TYR B 405 2.45 10.97 -2.96
CA TYR B 405 2.02 11.75 -4.11
C TYR B 405 3.17 12.19 -5.00
N LEU B 406 4.42 12.14 -4.51
CA LEU B 406 5.58 12.45 -5.34
C LEU B 406 6.26 11.19 -5.84
N ASN B 407 5.54 10.07 -5.92
CA ASN B 407 6.13 8.82 -6.37
C ASN B 407 6.46 8.82 -7.85
N PHE B 408 6.17 9.90 -8.56
CA PHE B 408 6.56 9.99 -9.96
C PHE B 408 7.99 10.47 -10.15
N ILE B 409 8.61 11.03 -9.11
CA ILE B 409 9.98 11.50 -9.22
C ILE B 409 10.92 10.30 -9.25
N ARG B 410 11.83 10.28 -10.22
CA ARG B 410 12.82 9.21 -10.32
C ARG B 410 14.19 9.81 -10.03
N GLY B 411 14.91 9.24 -9.07
CA GLY B 411 16.17 9.85 -8.72
C GLY B 411 17.01 8.98 -7.83
N VAL B 412 18.09 9.58 -7.33
CA VAL B 412 19.06 8.92 -6.48
C VAL B 412 19.36 9.81 -5.29
N VAL B 413 19.59 9.18 -4.13
CA VAL B 413 20.10 9.83 -2.94
C VAL B 413 21.38 9.13 -2.54
N ASP B 414 22.46 9.90 -2.37
CA ASP B 414 23.76 9.32 -2.09
C ASP B 414 24.38 10.02 -0.89
N SER B 415 24.77 9.25 0.11
CA SER B 415 25.32 9.80 1.34
C SER B 415 26.66 9.13 1.63
N GLU B 416 27.62 9.94 2.10
CA GLU B 416 28.92 9.39 2.44
C GLU B 416 28.90 8.63 3.76
N ASP B 417 28.17 9.14 4.75
CA ASP B 417 28.12 8.48 6.05
C ASP B 417 26.67 8.41 6.53
N LEU B 418 26.23 7.18 6.81
CA LEU B 418 24.90 6.90 7.30
C LEU B 418 24.99 5.64 8.15
N PRO B 419 24.33 5.60 9.30
CA PRO B 419 24.27 4.35 10.06
C PRO B 419 23.64 3.26 9.22
N LEU B 420 24.21 2.07 9.30
CA LEU B 420 23.79 0.96 8.45
C LEU B 420 23.54 -0.29 9.27
N ASN B 421 22.63 -1.11 8.76
CA ASN B 421 22.40 -2.43 9.32
C ASN B 421 23.67 -3.27 9.19
N ILE B 422 23.70 -4.39 9.91
CA ILE B 422 24.79 -5.33 9.76
C ILE B 422 24.78 -5.92 8.36
N SER B 423 23.61 -6.03 7.75
CA SER B 423 23.47 -6.56 6.40
C SER B 423 23.66 -5.50 5.32
N ARG B 424 23.90 -4.25 5.71
CA ARG B 424 24.14 -3.16 4.77
C ARG B 424 22.98 -3.00 3.78
N GLU B 425 21.76 -3.21 4.26
CA GLU B 425 20.59 -2.99 3.41
C GLU B 425 19.48 -2.25 4.14
N MET B 426 19.76 -1.59 5.24
CA MET B 426 18.82 -0.67 5.87
C MET B 426 19.58 0.18 6.87
N LEU B 427 18.96 1.28 7.27
CA LEU B 427 19.57 2.23 8.19
C LEU B 427 19.21 1.87 9.62
N GLN B 428 20.03 2.36 10.56
CA GLN B 428 19.77 2.10 11.97
C GLN B 428 18.75 3.08 12.54
N GLN B 429 18.82 4.34 12.12
CA GLN B 429 17.96 5.39 12.64
C GLN B 429 16.93 5.76 11.57
N SER B 430 15.65 5.64 11.92
CA SER B 430 14.59 6.01 10.99
C SER B 430 14.34 7.51 10.95
N LYS B 431 14.81 8.26 11.94
CA LYS B 431 14.67 9.70 11.92
C LYS B 431 15.44 10.33 10.76
N ILE B 432 16.56 9.72 10.40
CA ILE B 432 17.35 10.22 9.28
C ILE B 432 16.54 10.17 7.99
N LEU B 433 15.73 9.11 7.84
CA LEU B 433 14.85 9.04 6.68
C LEU B 433 13.86 10.18 6.66
N LYS B 434 13.34 10.57 7.83
CA LYS B 434 12.44 11.72 7.89
C LYS B 434 13.14 13.01 7.49
N VAL B 435 14.39 13.19 7.93
CA VAL B 435 15.13 14.39 7.54
C VAL B 435 15.36 14.41 6.05
N ILE B 436 15.75 13.27 5.47
CA ILE B 436 15.94 13.18 4.03
C ILE B 436 14.64 13.51 3.31
N ARG B 437 13.53 12.99 3.81
CA ARG B 437 12.24 13.26 3.18
C ARG B 437 11.91 14.75 3.22
N LYS B 438 12.13 15.40 4.36
CA LYS B 438 11.87 16.82 4.45
C LYS B 438 12.67 17.59 3.40
N ASN B 439 13.97 17.31 3.32
CA ASN B 439 14.81 18.04 2.38
C ASN B 439 14.40 17.75 0.93
N ILE B 440 14.11 16.49 0.62
CA ILE B 440 13.72 16.13 -0.74
C ILE B 440 12.42 16.81 -1.12
N VAL B 441 11.44 16.84 -0.21
CA VAL B 441 10.16 17.48 -0.51
C VAL B 441 10.34 18.96 -0.71
N LYS B 442 11.14 19.61 0.14
CA LYS B 442 11.39 21.04 -0.04
C LYS B 442 12.02 21.33 -1.39
N LYS B 443 13.03 20.54 -1.77
CA LYS B 443 13.70 20.77 -3.04
C LYS B 443 12.79 20.45 -4.22
N CYS B 444 11.89 19.46 -4.07
CA CYS B 444 10.94 19.17 -5.14
C CYS B 444 9.95 20.30 -5.33
N LEU B 445 9.44 20.87 -4.24
CA LEU B 445 8.53 22.00 -4.36
C LEU B 445 9.25 23.19 -4.97
N GLU B 446 10.50 23.43 -4.58
CA GLU B 446 11.27 24.50 -5.19
C GLU B 446 11.47 24.25 -6.69
N LEU B 447 11.73 23.00 -7.06
CA LEU B 447 11.88 22.66 -8.47
C LEU B 447 10.60 22.93 -9.24
N PHE B 448 9.45 22.54 -8.68
CA PHE B 448 8.18 22.81 -9.36
C PHE B 448 7.95 24.30 -9.50
N SER B 449 8.23 25.06 -8.44
CA SER B 449 8.00 26.50 -8.49
C SER B 449 8.87 27.17 -9.53
N GLU B 450 10.14 26.77 -9.64
CA GLU B 450 11.01 27.37 -10.64
C GLU B 450 10.70 26.85 -12.03
N LEU B 451 10.11 25.66 -12.14
CA LEU B 451 9.67 25.14 -13.42
C LEU B 451 8.43 25.87 -13.91
N ALA B 452 7.65 26.44 -12.99
CA ALA B 452 6.43 27.14 -13.38
C ALA B 452 6.70 28.36 -14.26
N GLU B 453 7.95 28.83 -14.31
CA GLU B 453 8.27 29.96 -15.19
C GLU B 453 8.21 29.56 -16.65
N ASP B 454 8.72 28.37 -16.98
CA ASP B 454 8.64 27.85 -18.34
C ASP B 454 7.20 27.47 -18.63
N LYS B 455 6.52 28.28 -19.45
CA LYS B 455 5.09 28.08 -19.67
C LYS B 455 4.80 26.74 -20.31
N GLU B 456 5.48 26.43 -21.42
CA GLU B 456 5.18 25.20 -22.14
C GLU B 456 5.60 23.97 -21.35
N ASN B 457 6.79 24.00 -20.75
CA ASN B 457 7.24 22.88 -19.95
C ASN B 457 6.34 22.67 -18.75
N TYR B 458 5.89 23.75 -18.12
CA TYR B 458 4.97 23.58 -17.01
C TYR B 458 3.62 23.08 -17.48
N LYS B 459 3.20 23.44 -18.69
CA LYS B 459 1.97 22.86 -19.24
C LYS B 459 2.10 21.36 -19.36
N LYS B 460 3.24 20.90 -19.91
CA LYS B 460 3.46 19.46 -20.02
C LYS B 460 3.47 18.79 -18.66
N PHE B 461 4.22 19.37 -17.72
CA PHE B 461 4.33 18.79 -16.39
C PHE B 461 2.99 18.73 -15.69
N TYR B 462 2.19 19.80 -15.80
CA TYR B 462 0.89 19.82 -15.14
C TYR B 462 -0.04 18.81 -15.78
N GLU B 463 -0.10 18.78 -17.12
CA GLU B 463 -0.91 17.78 -17.79
C GLU B 463 -0.52 16.37 -17.36
N ALA B 464 0.74 16.16 -17.01
CA ALA B 464 1.17 14.84 -16.60
C ALA B 464 0.82 14.53 -15.14
N PHE B 465 1.05 15.49 -14.23
CA PHE B 465 1.04 15.18 -12.80
C PHE B 465 0.15 16.12 -11.98
N SER B 466 -0.91 16.66 -12.58
CA SER B 466 -1.84 17.47 -11.82
C SER B 466 -2.54 16.62 -10.75
N LYS B 467 -2.83 15.37 -11.07
CA LYS B 467 -3.44 14.48 -10.09
C LYS B 467 -2.53 14.31 -8.89
N ASN B 468 -1.22 14.16 -9.12
CA ASN B 468 -0.28 14.07 -8.02
C ASN B 468 -0.25 15.35 -7.20
N LEU B 469 -0.26 16.51 -7.87
CA LEU B 469 -0.24 17.77 -7.14
C LEU B 469 -1.48 17.91 -6.26
N LYS B 470 -2.65 17.58 -6.78
CA LYS B 470 -3.88 17.72 -6.01
C LYS B 470 -3.94 16.68 -4.90
N LEU B 471 -3.41 15.48 -5.14
CA LEU B 471 -3.31 14.48 -4.08
C LEU B 471 -2.41 14.99 -2.96
N GLY B 472 -1.32 15.65 -3.31
CA GLY B 472 -0.47 16.24 -2.29
C GLY B 472 -1.16 17.34 -1.51
N ILE B 473 -1.97 18.14 -2.20
CA ILE B 473 -2.77 19.14 -1.50
C ILE B 473 -3.72 18.47 -0.51
N HIS B 474 -4.33 17.36 -0.93
CA HIS B 474 -5.21 16.62 -0.03
C HIS B 474 -4.44 16.09 1.19
N GLU B 475 -3.23 15.57 0.97
CA GLU B 475 -2.49 14.88 2.02
C GLU B 475 -1.55 15.80 2.79
N ASP B 476 -0.60 16.41 2.10
CA ASP B 476 0.47 17.17 2.74
C ASP B 476 -0.08 18.49 3.27
N SER B 477 -0.45 18.51 4.55
CA SER B 477 -1.04 19.72 5.11
C SER B 477 -0.02 20.83 5.23
N THR B 478 1.24 20.49 5.50
CA THR B 478 2.25 21.52 5.69
C THR B 478 2.60 22.23 4.39
N ASN B 479 2.42 21.57 3.25
CA ASN B 479 2.79 22.13 1.95
C ASN B 479 1.60 22.57 1.13
N ARG B 480 0.41 22.67 1.74
CA ARG B 480 -0.76 23.11 0.99
C ARG B 480 -0.59 24.51 0.45
N ARG B 481 -0.06 25.42 1.28
CA ARG B 481 0.05 26.81 0.85
C ARG B 481 1.03 26.95 -0.31
N ARG B 482 2.02 26.07 -0.39
CA ARG B 482 2.99 26.15 -1.49
C ARG B 482 2.50 25.36 -2.70
N LEU B 483 1.85 24.23 -2.48
CA LEU B 483 1.33 23.43 -3.58
C LEU B 483 0.17 24.11 -4.29
N SER B 484 -0.67 24.86 -3.57
CA SER B 484 -1.84 25.46 -4.19
C SER B 484 -1.46 26.44 -5.30
N GLU B 485 -0.33 27.13 -5.14
CA GLU B 485 0.11 28.05 -6.17
C GLU B 485 0.52 27.33 -7.45
N LEU B 486 0.72 26.02 -7.39
CA LEU B 486 1.02 25.24 -8.58
C LEU B 486 -0.22 24.76 -9.30
N LEU B 487 -1.40 24.99 -8.74
CA LEU B 487 -2.63 24.53 -9.38
C LEU B 487 -2.96 25.41 -10.59
N ARG B 488 -3.39 24.76 -11.66
CA ARG B 488 -3.86 25.43 -12.86
C ARG B 488 -5.27 24.94 -13.17
N TYR B 489 -6.16 25.88 -13.46
CA TYR B 489 -7.57 25.56 -13.62
C TYR B 489 -8.12 26.24 -14.85
N HIS B 490 -9.19 25.66 -15.39
CA HIS B 490 -9.93 26.26 -16.50
C HIS B 490 -11.03 27.15 -15.93
N THR B 491 -10.98 28.44 -16.25
CA THR B 491 -11.96 29.38 -15.76
C THR B 491 -12.80 29.92 -16.92
N SER B 492 -13.85 30.65 -16.55
CA SER B 492 -14.71 31.26 -17.57
C SER B 492 -13.96 32.29 -18.39
N GLN B 493 -13.13 33.09 -17.74
CA GLN B 493 -12.33 34.10 -18.44
C GLN B 493 -11.03 33.55 -19.01
N SER B 494 -10.70 32.29 -18.72
CA SER B 494 -9.44 31.74 -19.21
C SER B 494 -9.52 31.37 -20.69
N GLY B 495 -10.65 30.80 -21.10
CA GLY B 495 -10.71 30.28 -22.45
C GLY B 495 -10.17 28.86 -22.52
N ASP B 496 -9.41 28.59 -23.59
CA ASP B 496 -8.81 27.27 -23.75
C ASP B 496 -7.66 27.06 -22.75
N GLU B 497 -6.86 28.10 -22.54
CA GLU B 497 -5.70 27.97 -21.67
C GLU B 497 -6.13 27.94 -20.20
N MET B 498 -5.22 27.48 -19.35
CA MET B 498 -5.47 27.36 -17.92
C MET B 498 -4.77 28.48 -17.17
N THR B 499 -5.44 29.00 -16.14
CA THR B 499 -4.90 30.08 -15.33
C THR B 499 -4.80 29.65 -13.88
N SER B 500 -3.81 30.19 -13.18
CA SER B 500 -3.60 29.89 -11.78
C SER B 500 -4.56 30.69 -10.91
N LEU B 501 -4.68 30.29 -9.65
CA LEU B 501 -5.53 31.02 -8.72
C LEU B 501 -4.96 32.41 -8.42
N SER B 502 -3.64 32.58 -8.51
CA SER B 502 -3.06 33.90 -8.30
C SER B 502 -3.52 34.87 -9.38
N GLU B 503 -3.55 34.41 -10.64
CA GLU B 503 -4.11 35.24 -11.70
C GLU B 503 -5.57 35.55 -11.44
N TYR B 504 -6.32 34.57 -10.93
CA TYR B 504 -7.72 34.81 -10.58
C TYR B 504 -7.84 35.93 -9.56
N VAL B 505 -7.01 35.89 -8.52
CA VAL B 505 -7.07 36.94 -7.51
C VAL B 505 -6.67 38.28 -8.10
N SER B 506 -5.71 38.27 -9.02
CA SER B 506 -5.31 39.52 -9.67
C SER B 506 -6.46 40.12 -10.46
N ARG B 507 -7.18 39.30 -11.21
CA ARG B 507 -8.32 39.77 -12.00
C ARG B 507 -9.60 39.91 -11.18
N MET B 508 -9.60 39.40 -9.95
CA MET B 508 -10.80 39.45 -9.12
C MET B 508 -11.27 40.88 -8.92
N LYS B 509 -12.59 41.07 -9.01
CA LYS B 509 -13.16 42.41 -8.95
C LYS B 509 -12.82 43.10 -7.63
N GLU B 510 -13.02 44.42 -7.61
CA GLU B 510 -12.65 45.21 -6.44
C GLU B 510 -13.48 44.80 -5.21
N THR B 511 -14.78 44.57 -5.40
CA THR B 511 -15.66 44.26 -4.29
C THR B 511 -15.87 42.76 -4.06
N GLN B 512 -15.35 41.91 -4.94
CA GLN B 512 -15.52 40.47 -4.75
C GLN B 512 -14.75 40.01 -3.52
N LYS B 513 -15.33 39.05 -2.79
CA LYS B 513 -14.77 38.63 -1.52
C LYS B 513 -14.43 37.14 -1.47
N SER B 514 -14.49 36.44 -2.58
CA SER B 514 -14.24 35.00 -2.58
C SER B 514 -13.93 34.55 -4.00
N ILE B 515 -13.49 33.29 -4.10
CA ILE B 515 -13.21 32.65 -5.38
C ILE B 515 -14.30 31.63 -5.62
N TYR B 516 -15.10 31.84 -6.67
CA TYR B 516 -16.23 30.97 -6.96
C TYR B 516 -15.77 29.82 -7.84
N TYR B 517 -16.03 28.59 -7.40
CA TYR B 517 -15.64 27.42 -8.15
C TYR B 517 -16.84 26.49 -8.30
N ILE B 518 -16.80 25.65 -9.34
CA ILE B 518 -17.85 24.66 -9.56
C ILE B 518 -17.21 23.37 -10.06
N THR B 519 -17.67 22.24 -9.54
CA THR B 519 -17.13 20.93 -9.85
C THR B 519 -18.17 20.11 -10.60
N GLY B 520 -17.71 19.33 -11.58
CA GLY B 520 -18.56 18.44 -12.34
C GLY B 520 -17.72 17.38 -13.00
N GLU B 521 -18.38 16.52 -13.78
CA GLU B 521 -17.67 15.42 -14.41
C GLU B 521 -17.20 15.76 -15.82
N SER B 522 -17.47 16.96 -16.32
CA SER B 522 -17.01 17.37 -17.64
C SER B 522 -16.93 18.88 -17.70
N LYS B 523 -16.08 19.38 -18.59
CA LYS B 523 -15.94 20.82 -18.74
C LYS B 523 -17.17 21.43 -19.41
N GLU B 524 -17.77 20.71 -20.36
CA GLU B 524 -18.95 21.22 -21.03
C GLU B 524 -20.14 21.31 -20.08
N GLN B 525 -20.35 20.26 -19.28
CA GLN B 525 -21.45 20.29 -18.31
C GLN B 525 -21.31 21.44 -17.34
N VAL B 526 -20.10 21.66 -16.84
CA VAL B 526 -19.86 22.73 -15.89
C VAL B 526 -20.03 24.09 -16.56
N ALA B 527 -19.49 24.24 -17.77
CA ALA B 527 -19.54 25.53 -18.45
C ALA B 527 -20.98 25.93 -18.77
N ASN B 528 -21.78 24.97 -19.21
CA ASN B 528 -23.18 25.23 -19.53
C ASN B 528 -24.11 25.03 -18.34
N SER B 529 -23.57 24.78 -17.15
CA SER B 529 -24.40 24.43 -16.01
C SER B 529 -25.29 25.59 -15.61
N ALA B 530 -26.35 25.26 -14.87
CA ALA B 530 -27.32 26.28 -14.44
C ALA B 530 -26.74 27.19 -13.37
N PHE B 531 -25.94 26.63 -12.44
CA PHE B 531 -25.50 27.39 -11.28
C PHE B 531 -24.73 28.63 -11.70
N VAL B 532 -23.81 28.49 -12.67
CA VAL B 532 -22.99 29.61 -13.10
C VAL B 532 -23.72 30.58 -14.00
N GLU B 533 -25.02 30.36 -14.25
CA GLU B 533 -25.74 31.20 -15.20
C GLU B 533 -25.78 32.65 -14.73
N ARG B 534 -26.00 32.87 -13.44
CA ARG B 534 -26.12 34.23 -12.92
C ARG B 534 -24.77 34.88 -12.67
N VAL B 535 -23.83 34.14 -12.09
CA VAL B 535 -22.54 34.72 -11.73
C VAL B 535 -21.83 35.27 -12.97
N ARG B 536 -21.82 34.49 -14.04
CA ARG B 536 -21.20 34.95 -15.29
C ARG B 536 -21.91 36.17 -15.84
N LYS B 537 -23.20 36.32 -15.55
CA LYS B 537 -23.91 37.52 -15.98
C LYS B 537 -23.40 38.76 -15.27
N ARG B 538 -22.92 38.61 -14.04
CA ARG B 538 -22.40 39.74 -13.27
C ARG B 538 -20.92 39.97 -13.51
N GLY B 539 -20.25 39.10 -14.25
CA GLY B 539 -18.85 39.28 -14.60
C GLY B 539 -17.85 38.61 -13.69
N PHE B 540 -18.29 37.98 -12.60
CA PHE B 540 -17.34 37.34 -11.69
C PHE B 540 -16.80 36.07 -12.34
N GLU B 541 -15.49 35.91 -12.31
CA GLU B 541 -14.85 34.72 -12.88
C GLU B 541 -15.17 33.51 -12.03
N VAL B 542 -15.44 32.38 -12.70
CA VAL B 542 -15.77 31.13 -12.03
C VAL B 542 -14.76 30.07 -12.48
N VAL B 543 -14.33 29.24 -11.55
CA VAL B 543 -13.29 28.23 -11.80
C VAL B 543 -13.96 26.89 -12.04
N TYR B 544 -13.75 26.31 -13.22
CA TYR B 544 -14.26 24.99 -13.52
C TYR B 544 -13.27 23.95 -13.04
N MET B 545 -13.74 22.99 -12.25
CA MET B 545 -12.88 21.91 -11.76
C MET B 545 -13.55 20.59 -12.10
N THR B 546 -13.07 19.93 -13.15
CA THR B 546 -13.80 18.81 -13.73
C THR B 546 -13.04 17.49 -13.67
N GLU B 547 -12.45 17.18 -12.50
CA GLU B 547 -11.79 15.91 -12.31
C GLU B 547 -12.17 15.37 -10.93
N PRO B 548 -12.20 14.05 -10.77
CA PRO B 548 -12.58 13.47 -9.47
C PRO B 548 -11.68 13.91 -8.33
N ILE B 549 -10.39 14.10 -8.59
CA ILE B 549 -9.46 14.50 -7.54
C ILE B 549 -9.71 15.94 -7.06
N ASP B 550 -10.45 16.73 -7.82
CA ASP B 550 -10.72 18.11 -7.43
C ASP B 550 -11.56 18.17 -6.16
N GLU B 551 -12.48 17.23 -5.99
CA GLU B 551 -13.30 17.20 -4.78
C GLU B 551 -12.42 16.97 -3.55
N TYR B 552 -11.50 16.01 -3.62
CA TYR B 552 -10.56 15.81 -2.52
C TYR B 552 -9.69 17.04 -2.32
N CYS B 553 -9.29 17.69 -3.41
CA CYS B 553 -8.43 18.86 -3.31
C CYS B 553 -9.12 19.99 -2.55
N VAL B 554 -10.40 20.22 -2.84
CA VAL B 554 -11.11 21.34 -2.21
C VAL B 554 -11.75 20.96 -0.88
N GLN B 555 -11.78 19.67 -0.53
CA GLN B 555 -12.13 19.31 0.83
C GLN B 555 -11.16 19.92 1.84
N GLN B 556 -9.90 20.08 1.43
CA GLN B 556 -8.86 20.58 2.33
C GLN B 556 -8.48 22.02 2.03
N LEU B 557 -8.42 22.40 0.76
CA LEU B 557 -8.04 23.76 0.36
C LEU B 557 -9.22 24.68 0.64
N LYS B 558 -9.36 25.05 1.92
CA LYS B 558 -10.49 25.86 2.33
C LYS B 558 -10.41 27.28 1.76
N GLU B 559 -9.22 27.88 1.76
CA GLU B 559 -9.06 29.24 1.27
C GLU B 559 -7.72 29.35 0.56
N PHE B 560 -7.48 30.51 -0.04
CA PHE B 560 -6.25 30.74 -0.79
C PHE B 560 -6.00 32.24 -0.85
N ASP B 561 -4.78 32.65 -0.50
CA ASP B 561 -4.38 34.05 -0.56
C ASP B 561 -5.33 34.92 0.26
N GLY B 562 -5.80 34.38 1.38
CA GLY B 562 -6.74 35.10 2.22
C GLY B 562 -8.14 35.20 1.66
N LYS B 563 -8.40 34.60 0.49
CA LYS B 563 -9.71 34.59 -0.11
C LYS B 563 -10.27 33.17 -0.03
N SER B 564 -11.53 33.07 0.40
CA SER B 564 -12.14 31.77 0.61
C SER B 564 -12.75 31.24 -0.68
N LEU B 565 -12.73 29.91 -0.83
CA LEU B 565 -13.37 29.27 -1.96
C LEU B 565 -14.85 29.06 -1.65
N VAL B 566 -15.71 29.42 -2.61
CA VAL B 566 -17.15 29.26 -2.48
C VAL B 566 -17.63 28.39 -3.64
N SER B 567 -18.33 27.31 -3.31
CA SER B 567 -18.90 26.43 -4.31
C SER B 567 -20.20 27.03 -4.82
N VAL B 568 -20.32 27.18 -6.14
CA VAL B 568 -21.54 27.73 -6.71
C VAL B 568 -22.71 26.77 -6.48
N THR B 569 -22.44 25.47 -6.54
CA THR B 569 -23.46 24.46 -6.39
C THR B 569 -23.78 24.13 -4.94
N LYS B 570 -23.40 24.98 -4.00
CA LYS B 570 -23.69 24.77 -2.58
C LYS B 570 -24.51 25.94 -2.05
N GLU B 571 -25.39 25.65 -1.11
CA GLU B 571 -26.36 26.62 -0.64
C GLU B 571 -25.67 27.80 0.05
N GLY B 572 -26.42 28.87 0.24
CA GLY B 572 -25.88 30.05 0.89
C GLY B 572 -24.97 30.89 0.04
N LEU B 573 -24.92 30.65 -1.27
CA LEU B 573 -24.15 31.52 -2.15
C LEU B 573 -24.66 32.95 -2.06
N GLU B 574 -23.74 33.89 -1.84
CA GLU B 574 -24.11 35.29 -1.61
C GLU B 574 -23.14 36.17 -2.40
N LEU B 575 -23.53 36.49 -3.62
CA LEU B 575 -22.78 37.48 -4.39
C LEU B 575 -23.02 38.87 -3.80
N PRO B 576 -22.11 39.81 -4.04
CA PRO B 576 -22.37 41.19 -3.66
C PRO B 576 -23.65 41.70 -4.30
N GLU B 577 -24.40 42.49 -3.55
CA GLU B 577 -25.76 42.87 -3.92
C GLU B 577 -25.90 44.37 -4.04
N ASP B 578 -26.73 44.81 -4.98
CA ASP B 578 -27.18 46.19 -5.00
C ASP B 578 -28.39 46.35 -4.06
N GLU B 579 -28.69 47.60 -3.72
CA GLU B 579 -29.87 47.85 -2.90
C GLU B 579 -31.15 47.50 -3.67
N GLU B 580 -31.20 47.89 -4.94
CA GLU B 580 -32.36 47.56 -5.77
C GLU B 580 -32.49 46.05 -5.97
N GLU B 581 -31.36 45.37 -6.17
CA GLU B 581 -31.39 43.92 -6.30
C GLU B 581 -31.91 43.27 -5.03
N LYS B 582 -31.48 43.77 -3.87
CA LYS B 582 -31.98 43.23 -2.60
C LYS B 582 -33.47 43.48 -2.44
N LYS B 583 -33.94 44.67 -2.83
CA LYS B 583 -35.37 44.96 -2.75
C LYS B 583 -36.17 44.01 -3.62
N LYS B 584 -35.71 43.80 -4.85
CA LYS B 584 -36.41 42.90 -5.76
C LYS B 584 -36.40 41.47 -5.23
N MET B 585 -35.27 41.03 -4.69
CA MET B 585 -35.19 39.67 -4.14
C MET B 585 -36.17 39.49 -2.99
N GLU B 586 -36.22 40.47 -2.08
CA GLU B 586 -37.13 40.34 -0.94
C GLU B 586 -38.58 40.36 -1.38
N GLU B 587 -38.93 41.23 -2.33
CA GLU B 587 -40.30 41.27 -2.82
C GLU B 587 -40.67 39.95 -3.51
N SER B 588 -39.75 39.39 -4.29
CA SER B 588 -40.03 38.12 -4.95
C SER B 588 -40.20 37.00 -3.94
N LYS B 589 -39.39 37.01 -2.87
CA LYS B 589 -39.55 36.00 -1.83
C LYS B 589 -40.92 36.12 -1.18
N ALA B 590 -41.33 37.35 -0.84
CA ALA B 590 -42.65 37.55 -0.24
C ALA B 590 -43.76 37.14 -1.19
N LYS B 591 -43.55 37.27 -2.49
CA LYS B 591 -44.56 36.85 -3.45
C LYS B 591 -44.64 35.34 -3.59
N PHE B 592 -43.49 34.66 -3.62
CA PHE B 592 -43.44 33.26 -3.99
C PHE B 592 -43.35 32.30 -2.80
N GLU B 593 -43.39 32.80 -1.57
CA GLU B 593 -43.38 31.89 -0.42
C GLU B 593 -44.53 30.88 -0.48
N ASN B 594 -45.69 31.28 -1.01
CA ASN B 594 -46.82 30.37 -1.06
C ASN B 594 -46.54 29.19 -1.97
N LEU B 595 -46.06 29.46 -3.19
CA LEU B 595 -45.69 28.37 -4.09
C LEU B 595 -44.54 27.55 -3.52
N CYS B 596 -43.61 28.19 -2.81
CA CYS B 596 -42.52 27.44 -2.20
C CYS B 596 -43.04 26.43 -1.19
N LYS B 597 -43.95 26.84 -0.31
CA LYS B 597 -44.46 25.90 0.69
C LYS B 597 -45.35 24.84 0.04
N LEU B 598 -46.07 25.19 -1.03
CA LEU B 598 -46.85 24.18 -1.74
C LEU B 598 -45.94 23.13 -2.35
N MET B 599 -44.83 23.55 -2.97
CA MET B 599 -43.88 22.61 -3.53
C MET B 599 -43.25 21.75 -2.44
N LYS B 600 -42.95 22.35 -1.29
CA LYS B 600 -42.42 21.60 -0.16
C LYS B 600 -43.41 20.51 0.27
N GLU B 601 -44.69 20.86 0.33
CA GLU B 601 -45.71 19.87 0.69
C GLU B 601 -45.78 18.76 -0.35
N ILE B 602 -45.75 19.11 -1.63
CA ILE B 602 -45.85 18.09 -2.68
C ILE B 602 -44.62 17.19 -2.67
N LEU B 603 -43.44 17.77 -2.51
CA LEU B 603 -42.18 17.02 -2.56
C LEU B 603 -41.72 16.66 -1.15
N ASP B 604 -42.50 15.82 -0.49
CA ASP B 604 -42.17 15.41 0.87
C ASP B 604 -40.98 14.46 0.87
N LYS B 605 -40.11 14.62 1.87
CA LYS B 605 -38.96 13.75 2.09
C LYS B 605 -38.03 13.68 0.89
N LYS B 606 -38.12 14.65 -0.02
CA LYS B 606 -37.21 14.74 -1.16
C LYS B 606 -36.34 15.98 -1.09
N VAL B 607 -36.92 17.12 -0.75
CA VAL B 607 -36.20 18.38 -0.65
C VAL B 607 -36.50 19.00 0.70
N GLU B 608 -35.46 19.41 1.43
CA GLU B 608 -35.65 19.99 2.74
C GLU B 608 -36.26 21.40 2.64
N LYS B 609 -35.77 22.21 1.72
CA LYS B 609 -36.18 23.60 1.65
C LYS B 609 -36.32 24.02 0.20
N VAL B 610 -37.43 24.69 -0.11
CA VAL B 610 -37.68 25.23 -1.44
C VAL B 610 -37.74 26.74 -1.33
N THR B 611 -36.84 27.43 -2.04
CA THR B 611 -36.72 28.87 -1.94
C THR B 611 -36.51 29.46 -3.32
N ILE B 612 -36.58 30.79 -3.39
CA ILE B 612 -36.18 31.50 -4.61
C ILE B 612 -34.67 31.54 -4.63
N SER B 613 -34.08 31.89 -5.77
CA SER B 613 -32.64 31.79 -5.92
C SER B 613 -32.07 33.08 -6.49
N ASN B 614 -30.84 33.36 -6.10
CA ASN B 614 -30.08 34.48 -6.65
C ASN B 614 -29.04 34.03 -7.66
N ARG B 615 -29.04 32.75 -8.05
CA ARG B 615 -28.03 32.21 -8.94
C ARG B 615 -28.60 31.66 -10.24
N LEU B 616 -29.87 31.93 -10.53
CA LEU B 616 -30.50 31.46 -11.76
C LEU B 616 -30.96 32.66 -12.57
N VAL B 617 -30.68 32.65 -13.88
CA VAL B 617 -31.12 33.73 -14.75
C VAL B 617 -31.92 33.17 -15.92
N SER B 618 -31.66 31.93 -16.31
CA SER B 618 -32.34 31.37 -17.48
C SER B 618 -32.96 30.01 -17.19
N SER B 619 -32.35 29.24 -16.31
CA SER B 619 -32.95 27.96 -15.96
C SER B 619 -34.09 28.16 -14.98
N PRO B 620 -35.12 27.32 -15.03
CA PRO B 620 -36.25 27.50 -14.12
C PRO B 620 -35.92 27.17 -12.68
N CYS B 621 -35.17 26.10 -12.44
CA CYS B 621 -34.90 25.67 -11.08
C CYS B 621 -33.61 24.86 -11.05
N CYS B 622 -33.05 24.74 -9.85
CA CYS B 622 -31.83 23.96 -9.65
C CYS B 622 -31.84 23.34 -8.26
N ILE B 623 -31.16 22.20 -8.14
CA ILE B 623 -31.03 21.48 -6.88
C ILE B 623 -29.63 21.75 -6.34
N VAL B 624 -29.58 22.29 -5.13
CA VAL B 624 -28.35 22.80 -4.54
C VAL B 624 -28.09 22.11 -3.21
N THR B 625 -26.86 21.65 -3.03
CA THR B 625 -26.46 20.90 -1.85
C THR B 625 -26.43 21.78 -0.60
N SER B 626 -26.74 21.18 0.55
CA SER B 626 -26.70 21.88 1.82
C SER B 626 -25.28 22.30 2.17
N THR B 627 -25.14 22.99 3.31
CA THR B 627 -23.87 23.63 3.65
C THR B 627 -22.78 22.60 3.95
N TYR B 628 -23.08 21.62 4.79
CA TYR B 628 -22.04 20.74 5.31
C TYR B 628 -21.95 19.40 4.59
N GLY B 629 -23.01 18.95 3.95
CA GLY B 629 -23.03 17.63 3.36
C GLY B 629 -22.24 17.54 2.07
N TRP B 630 -22.17 16.33 1.54
CA TRP B 630 -21.47 16.07 0.29
C TRP B 630 -22.17 16.77 -0.86
N THR B 631 -21.40 17.40 -1.73
CA THR B 631 -21.95 17.99 -2.93
C THR B 631 -22.40 16.88 -3.88
N ALA B 632 -23.18 17.27 -4.89
CA ALA B 632 -23.70 16.29 -5.84
C ALA B 632 -22.57 15.53 -6.52
N ASN B 633 -21.56 16.25 -7.00
CA ASN B 633 -20.43 15.57 -7.63
C ASN B 633 -19.65 14.74 -6.62
N MET B 634 -19.45 15.26 -5.41
CA MET B 634 -18.75 14.50 -4.40
C MET B 634 -19.52 13.24 -4.02
N GLU B 635 -20.85 13.34 -3.93
CA GLU B 635 -21.66 12.16 -3.65
C GLU B 635 -21.56 11.15 -4.78
N ARG B 636 -21.54 11.62 -6.03
CA ARG B 636 -21.35 10.72 -7.16
C ARG B 636 -20.00 10.01 -7.09
N ILE B 637 -18.95 10.75 -6.73
CA ILE B 637 -17.62 10.15 -6.64
C ILE B 637 -17.58 9.10 -5.55
N MET B 638 -18.07 9.45 -4.36
CA MET B 638 -18.00 8.53 -3.22
C MET B 638 -18.88 7.31 -3.45
N LYS B 639 -20.03 7.49 -4.12
CA LYS B 639 -20.93 6.37 -4.36
C LYS B 639 -20.30 5.33 -5.27
N ALA B 640 -19.31 5.72 -6.07
CA ALA B 640 -18.69 4.83 -7.04
C ALA B 640 -17.39 4.23 -6.56
N GLN B 641 -16.99 4.48 -5.31
CA GLN B 641 -15.76 3.89 -4.79
C GLN B 641 -15.95 2.40 -4.57
N ALA B 642 -15.02 1.61 -5.10
CA ALA B 642 -15.15 0.16 -5.03
C ALA B 642 -15.09 -0.34 -3.59
N LEU B 643 -14.19 0.23 -2.79
CA LEU B 643 -13.96 -0.22 -1.41
C LEU B 643 -14.33 0.93 -0.47
N ARG B 644 -15.61 0.99 -0.09
CA ARG B 644 -16.08 1.98 0.86
C ARG B 644 -17.38 1.48 1.48
N ASP B 645 -17.59 1.82 2.75
CA ASP B 645 -18.76 1.34 3.47
C ASP B 645 -20.02 2.03 2.96
N ASN B 646 -21.03 1.23 2.63
CA ASN B 646 -22.32 1.78 2.22
C ASN B 646 -23.11 2.31 3.41
N SER B 647 -23.11 1.58 4.52
CA SER B 647 -23.93 1.95 5.67
C SER B 647 -23.55 3.30 6.25
N THR B 648 -22.35 3.78 5.98
CA THR B 648 -21.91 5.09 6.48
C THR B 648 -22.26 6.22 5.52
N MET B 649 -22.55 5.91 4.25
CA MET B 649 -22.74 6.95 3.25
C MET B 649 -23.81 7.94 3.67
N GLY B 650 -24.94 7.44 4.18
CA GLY B 650 -26.04 8.31 4.57
C GLY B 650 -25.66 9.35 5.60
N TYR B 651 -24.61 9.10 6.38
CA TYR B 651 -24.18 10.11 7.36
C TYR B 651 -23.64 11.36 6.67
N MET B 652 -22.93 11.20 5.56
CA MET B 652 -22.32 12.32 4.87
C MET B 652 -23.16 12.86 3.73
N MET B 653 -24.22 12.16 3.34
CA MET B 653 -25.07 12.64 2.26
C MET B 653 -25.76 13.93 2.66
N ALA B 654 -25.78 14.88 1.73
CA ALA B 654 -26.35 16.19 2.02
C ALA B 654 -27.85 16.18 1.89
N LYS B 655 -28.46 17.32 2.20
CA LYS B 655 -29.89 17.52 2.06
C LYS B 655 -30.14 18.48 0.91
N LYS B 656 -30.87 18.01 -0.10
CA LYS B 656 -31.10 18.81 -1.29
C LYS B 656 -32.00 19.99 -1.00
N HIS B 657 -31.68 21.13 -1.60
CA HIS B 657 -32.51 22.33 -1.55
C HIS B 657 -32.96 22.68 -2.96
N LEU B 658 -34.24 22.94 -3.14
CA LEU B 658 -34.75 23.35 -4.44
C LEU B 658 -34.77 24.86 -4.52
N GLU B 659 -34.26 25.40 -5.62
CA GLU B 659 -34.22 26.83 -5.85
C GLU B 659 -34.93 27.14 -7.16
N ILE B 660 -35.92 28.01 -7.10
CA ILE B 660 -36.75 28.33 -8.25
C ILE B 660 -36.40 29.75 -8.72
N ASN B 661 -36.58 29.98 -10.02
CA ASN B 661 -36.25 31.26 -10.62
C ASN B 661 -37.50 32.09 -10.78
N PRO B 662 -37.63 33.22 -10.07
CA PRO B 662 -38.87 34.01 -10.18
C PRO B 662 -39.13 34.55 -11.57
N ASP B 663 -38.09 34.83 -12.35
CA ASP B 663 -38.26 35.47 -13.64
C ASP B 663 -38.45 34.48 -14.79
N HIS B 664 -38.32 33.20 -14.55
CA HIS B 664 -38.56 32.22 -15.60
C HIS B 664 -40.05 32.09 -15.84
N PRO B 665 -40.51 32.06 -17.10
CA PRO B 665 -41.96 31.96 -17.35
C PRO B 665 -42.60 30.73 -16.73
N ILE B 666 -41.90 29.59 -16.70
CA ILE B 666 -42.49 28.38 -16.17
C ILE B 666 -42.87 28.56 -14.71
N VAL B 667 -41.99 29.17 -13.92
CA VAL B 667 -42.26 29.31 -12.49
C VAL B 667 -43.40 30.30 -12.25
N GLU B 668 -43.46 31.38 -13.03
CA GLU B 668 -44.56 32.32 -12.87
C GLU B 668 -45.90 31.69 -13.22
N THR B 669 -45.95 30.94 -14.33
CA THR B 669 -47.19 30.26 -14.70
C THR B 669 -47.58 29.24 -13.64
N LEU B 670 -46.59 28.50 -13.11
CA LEU B 670 -46.87 27.53 -12.05
C LEU B 670 -47.39 28.23 -10.81
N ARG B 671 -46.84 29.41 -10.48
CA ARG B 671 -47.33 30.16 -9.33
C ARG B 671 -48.78 30.59 -9.53
N GLN B 672 -49.11 31.08 -10.72
CA GLN B 672 -50.48 31.48 -11.00
C GLN B 672 -51.42 30.29 -10.88
N LYS B 673 -51.03 29.13 -11.43
CA LYS B 673 -51.88 27.96 -11.34
C LYS B 673 -52.04 27.50 -9.89
N ALA B 674 -50.97 27.53 -9.12
CA ALA B 674 -51.03 27.10 -7.73
C ALA B 674 -51.92 28.04 -6.91
N GLU B 675 -51.86 29.34 -7.19
CA GLU B 675 -52.75 30.26 -6.50
C GLU B 675 -54.20 30.03 -6.91
N ALA B 676 -54.45 29.81 -8.20
CA ALA B 676 -55.82 29.61 -8.67
C ALA B 676 -56.39 28.30 -8.15
N ASP B 677 -55.61 27.22 -8.22
CA ASP B 677 -56.03 25.90 -7.75
C ASP B 677 -55.03 25.43 -6.70
N LYS B 678 -55.48 25.34 -5.45
CA LYS B 678 -54.58 24.96 -4.37
C LYS B 678 -54.09 23.52 -4.53
N ASN B 679 -54.96 22.64 -5.00
CA ASN B 679 -54.58 21.27 -5.28
C ASN B 679 -55.11 20.86 -6.65
N ASP B 680 -54.27 20.16 -7.42
CA ASP B 680 -54.64 19.75 -8.76
C ASP B 680 -53.65 18.70 -9.25
N LYS B 681 -54.14 17.80 -10.10
CA LYS B 681 -53.28 16.76 -10.65
C LYS B 681 -52.22 17.35 -11.58
N ALA B 682 -52.60 18.34 -12.39
CA ALA B 682 -51.68 18.88 -13.39
C ALA B 682 -50.50 19.58 -12.74
N VAL B 683 -50.76 20.39 -11.71
CA VAL B 683 -49.67 21.11 -11.06
C VAL B 683 -48.74 20.14 -10.33
N LYS B 684 -49.30 19.10 -9.73
CA LYS B 684 -48.47 18.11 -9.04
C LYS B 684 -47.59 17.36 -10.03
N ASP B 685 -48.16 16.93 -11.16
CA ASP B 685 -47.36 16.26 -12.18
C ASP B 685 -46.28 17.18 -12.71
N LEU B 686 -46.63 18.45 -12.96
CA LEU B 686 -45.67 19.41 -13.49
C LEU B 686 -44.52 19.62 -12.52
N VAL B 687 -44.83 19.79 -11.23
CA VAL B 687 -43.77 20.07 -10.26
C VAL B 687 -42.89 18.85 -10.07
N VAL B 688 -43.47 17.64 -10.11
CA VAL B 688 -42.66 16.43 -10.01
C VAL B 688 -41.70 16.33 -11.19
N LEU B 689 -42.21 16.59 -12.40
CA LEU B 689 -41.35 16.53 -13.57
C LEU B 689 -40.25 17.59 -13.51
N LEU B 690 -40.60 18.80 -13.06
CA LEU B 690 -39.61 19.86 -12.95
C LEU B 690 -38.53 19.48 -11.95
N PHE B 691 -38.92 18.90 -10.82
CA PHE B 691 -37.93 18.46 -9.84
C PHE B 691 -37.04 17.36 -10.40
N GLU B 692 -37.63 16.44 -11.17
CA GLU B 692 -36.82 15.39 -11.78
C GLU B 692 -35.78 15.98 -12.72
N THR B 693 -36.19 16.93 -13.56
CA THR B 693 -35.25 17.55 -14.49
C THR B 693 -34.16 18.32 -13.75
N ALA B 694 -34.54 19.03 -12.69
CA ALA B 694 -33.55 19.75 -11.90
C ALA B 694 -32.57 18.78 -11.26
N LEU B 695 -33.07 17.65 -10.78
CA LEU B 695 -32.19 16.64 -10.19
C LEU B 695 -31.21 16.09 -11.21
N LEU B 696 -31.69 15.83 -12.43
CA LEU B 696 -30.81 15.35 -13.49
C LEU B 696 -29.75 16.39 -13.84
N SER B 697 -30.14 17.65 -13.94
CA SER B 697 -29.21 18.69 -14.38
C SER B 697 -28.22 19.05 -13.29
N SER B 698 -28.62 18.93 -12.03
CA SER B 698 -27.75 19.33 -10.93
C SER B 698 -26.54 18.43 -10.82
N GLY B 699 -26.71 17.15 -11.11
CA GLY B 699 -25.60 16.21 -11.06
C GLY B 699 -25.94 14.96 -10.29
N PHE B 700 -27.05 14.99 -9.57
CA PHE B 700 -27.46 13.85 -8.78
C PHE B 700 -27.91 12.70 -9.66
N SER B 701 -27.68 11.48 -9.18
CA SER B 701 -28.29 10.31 -9.80
C SER B 701 -29.77 10.26 -9.44
N LEU B 702 -30.49 9.39 -10.13
CA LEU B 702 -31.93 9.25 -9.94
C LEU B 702 -32.22 7.92 -9.26
N GLU B 703 -33.08 7.97 -8.23
CA GLU B 703 -33.37 6.76 -7.46
C GLU B 703 -33.99 5.68 -8.33
N ASP B 704 -34.90 6.06 -9.21
CA ASP B 704 -35.51 5.13 -10.18
C ASP B 704 -35.66 5.85 -11.50
N PRO B 705 -34.61 5.86 -12.33
CA PRO B 705 -34.70 6.56 -13.62
C PRO B 705 -35.77 5.99 -14.53
N GLN B 706 -36.17 4.75 -14.31
CA GLN B 706 -37.24 4.17 -15.12
C GLN B 706 -38.54 4.95 -14.94
N THR B 707 -38.81 5.44 -13.73
CA THR B 707 -40.01 6.23 -13.52
C THR B 707 -39.97 7.54 -14.31
N HIS B 708 -38.84 8.23 -14.29
CA HIS B 708 -38.72 9.47 -15.06
C HIS B 708 -38.84 9.21 -16.55
N SER B 709 -38.20 8.15 -17.03
CA SER B 709 -38.31 7.82 -18.45
C SER B 709 -39.74 7.46 -18.81
N ASN B 710 -40.44 6.76 -17.92
CA ASN B 710 -41.83 6.40 -18.18
C ASN B 710 -42.71 7.65 -18.23
N ARG B 711 -42.46 8.61 -17.35
CA ARG B 711 -43.20 9.87 -17.40
C ARG B 711 -42.95 10.60 -18.71
N ILE B 712 -41.69 10.63 -19.16
CA ILE B 712 -41.38 11.28 -20.43
C ILE B 712 -42.09 10.55 -21.58
N TYR B 713 -42.09 9.23 -21.56
CA TYR B 713 -42.76 8.48 -22.61
C TYR B 713 -44.26 8.74 -22.60
N ARG B 714 -44.86 8.85 -21.41
CA ARG B 714 -46.28 9.13 -21.32
C ARG B 714 -46.60 10.51 -21.88
N MET B 715 -45.79 11.51 -21.56
CA MET B 715 -46.06 12.84 -22.10
C MET B 715 -45.78 12.90 -23.59
N ILE B 716 -44.84 12.09 -24.10
CA ILE B 716 -44.65 12.01 -25.55
C ILE B 716 -45.88 11.41 -26.20
N LYS B 717 -46.42 10.33 -25.62
CA LYS B 717 -47.66 9.75 -26.13
C LYS B 717 -48.77 10.80 -26.16
N LEU B 718 -48.92 11.56 -25.07
CA LEU B 718 -49.92 12.61 -25.04
C LEU B 718 -49.65 13.65 -26.12
N GLY B 719 -48.37 13.90 -26.41
CA GLY B 719 -48.04 14.87 -27.45
C GLY B 719 -48.47 14.42 -28.83
N LEU B 720 -48.20 13.15 -29.16
CA LEU B 720 -48.51 12.67 -30.51
C LEU B 720 -49.80 11.89 -30.59
N GLY B 721 -50.39 11.51 -29.47
CA GLY B 721 -51.66 10.82 -29.48
C GLY B 721 -51.55 9.31 -29.44
N ILE B 722 -51.86 8.71 -28.29
CA ILE B 722 -51.77 7.27 -28.13
C ILE B 722 -52.97 6.75 -27.35
#